data_9PQE
#
_entry.id   9PQE
#
_cell.length_a   130.015
_cell.length_b   130.015
_cell.length_c   140.431
_cell.angle_alpha   90.000
_cell.angle_beta   90.000
_cell.angle_gamma   90.000
#
_symmetry.space_group_name_H-M   'P 4 21 2'
#
loop_
_entity.id
_entity.type
_entity.pdbx_description
1 polymer 'Protein fem-1 homolog B'
2 non-polymer N-[4-(propan-2-yl)phenyl]pyrazine-2-carboxamide
3 water water
#
_entity_poly.entity_id   1
_entity_poly.type   'polypeptide(L)'
_entity_poly.pdbx_seq_one_letter_code
;GHMEGLAGYVYKAASEGKVLTLAALLLNRSESDIRYLLGYVSQQGGQRSTPLIIAARNGHAKVVRLLLEHYRVQTQQTGT
VRFDGYVIDGATALWCAAGAGHFEVVKLLVSHGANVNHTTVTNSTPLRAACFDGRLDIVKYLVENNANISIANKYDNTCL
MIAAYKGHTDVVRYLLEQRADPNAKAHCGATALHFAAEAGHIDIVKELIKWRAAIVVNGHGMTPLKVAAESCKADVVELL
LSHADCDRRSRIEALELLGASFANDRENYDIIKTYHYLYLAMLERFQDGDNILEKEVLPPIHAYGNRTECRNPQELESIR
QDRDALHMEGLIVRERILGGGGSGGGSKKRLLLGLDR
;
_entity_poly.pdbx_strand_id   A,B
#
# COMPACT_ATOMS: atom_id res chain seq x y z
N HIS A 2 50.76 -16.08 18.21
CA HIS A 2 50.91 -16.67 16.87
C HIS A 2 50.37 -15.81 15.75
N MET A 3 49.77 -16.50 14.79
CA MET A 3 49.41 -15.92 13.50
C MET A 3 47.93 -15.62 13.38
N GLU A 4 47.07 -16.36 14.07
CA GLU A 4 45.67 -15.97 14.06
C GLU A 4 45.51 -14.57 14.60
N GLY A 5 46.53 -14.05 15.27
CA GLY A 5 46.50 -12.66 15.67
C GLY A 5 46.98 -11.77 14.55
N LEU A 6 48.17 -12.08 14.02
CA LEU A 6 48.69 -11.26 12.94
C LEU A 6 47.71 -11.26 11.78
N ALA A 7 47.02 -12.39 11.60
CA ALA A 7 46.07 -12.51 10.52
C ALA A 7 45.03 -11.40 10.58
N GLY A 8 44.55 -11.10 11.78
CA GLY A 8 43.60 -10.02 11.93
C GLY A 8 44.23 -8.68 11.58
N TYR A 9 45.44 -8.45 12.12
CA TYR A 9 46.10 -7.19 11.83
C TYR A 9 46.19 -7.00 10.35
N VAL A 10 46.29 -8.10 9.61
CA VAL A 10 46.27 -8.02 8.15
C VAL A 10 44.87 -7.81 7.64
N TYR A 11 43.90 -8.55 8.18
CA TYR A 11 42.52 -8.40 7.74
C TYR A 11 42.03 -6.99 8.00
N LYS A 12 42.47 -6.42 9.13
CA LYS A 12 42.18 -5.04 9.50
C LYS A 12 42.59 -4.07 8.41
N ALA A 13 43.90 -4.04 8.13
CA ALA A 13 44.47 -3.11 7.15
C ALA A 13 43.72 -3.19 5.84
N ALA A 14 43.45 -4.41 5.39
CA ALA A 14 42.78 -4.59 4.13
C ALA A 14 41.38 -3.98 4.19
N SER A 15 40.61 -4.34 5.23
CA SER A 15 39.26 -3.79 5.33
C SER A 15 39.28 -2.28 5.32
N GLU A 16 40.27 -1.67 5.96
CA GLU A 16 40.31 -0.22 6.08
C GLU A 16 41.07 0.50 4.96
N GLY A 17 41.66 -0.22 4.01
CA GLY A 17 42.35 0.46 2.94
C GLY A 17 43.68 1.02 3.32
N LYS A 18 44.16 0.70 4.52
CA LYS A 18 45.42 1.21 5.05
C LYS A 18 46.55 0.48 4.32
N VAL A 19 46.79 0.90 3.07
CA VAL A 19 47.72 0.14 2.24
C VAL A 19 49.12 0.16 2.80
N LEU A 20 49.49 1.25 3.45
CA LEU A 20 50.80 1.29 4.07
C LEU A 20 50.89 0.27 5.18
N THR A 21 49.99 0.38 6.17
CA THR A 21 49.95 -0.54 7.30
C THR A 21 50.06 -1.97 6.83
N LEU A 22 49.26 -2.31 5.82
CA LEU A 22 49.26 -3.64 5.22
C LEU A 22 50.65 -4.01 4.75
N ALA A 23 51.15 -3.26 3.75
CA ALA A 23 52.46 -3.50 3.17
C ALA A 23 53.51 -3.72 4.25
N ALA A 24 53.59 -2.80 5.22
CA ALA A 24 54.52 -3.03 6.30
C ALA A 24 54.27 -4.36 7.01
N LEU A 25 53.02 -4.82 7.05
CA LEU A 25 52.71 -6.00 7.85
C LEU A 25 53.13 -7.28 7.17
N LEU A 26 53.25 -7.28 5.86
CA LEU A 26 53.55 -8.52 5.19
C LEU A 26 54.88 -8.42 4.44
N LEU A 27 55.76 -7.55 4.94
CA LEU A 27 57.12 -7.59 4.44
C LEU A 27 57.91 -8.52 5.35
N ASN A 28 59.20 -8.71 5.04
CA ASN A 28 60.04 -9.79 5.56
C ASN A 28 59.23 -10.94 6.14
N ARG A 29 58.37 -11.53 5.29
CA ARG A 29 57.55 -12.68 5.64
C ARG A 29 57.83 -13.81 4.67
N SER A 30 57.83 -15.03 5.18
CA SER A 30 58.09 -16.18 4.33
C SER A 30 56.89 -16.48 3.46
N GLU A 31 57.16 -17.05 2.30
CA GLU A 31 56.09 -17.38 1.36
C GLU A 31 55.04 -18.28 2.01
N SER A 32 55.49 -19.26 2.78
CA SER A 32 54.53 -20.05 3.53
C SER A 32 53.66 -19.15 4.39
N ASP A 33 54.28 -18.12 4.99
CA ASP A 33 53.52 -17.21 5.84
C ASP A 33 52.57 -16.35 5.05
N ILE A 34 53.07 -15.68 4.00
CA ILE A 34 52.21 -14.75 3.27
C ILE A 34 51.03 -15.45 2.63
N ARG A 35 51.16 -16.73 2.33
CA ARG A 35 49.97 -17.42 1.84
C ARG A 35 48.96 -17.61 2.96
N TYR A 36 49.44 -17.97 4.17
CA TYR A 36 48.53 -18.17 5.30
C TYR A 36 47.74 -16.92 5.62
N LEU A 37 48.45 -15.78 5.66
CA LEU A 37 47.87 -14.51 6.03
C LEU A 37 46.87 -14.05 4.99
N LEU A 38 47.24 -14.13 3.73
CA LEU A 38 46.35 -13.67 2.69
C LEU A 38 45.16 -14.59 2.46
N GLY A 39 45.22 -15.82 2.94
CA GLY A 39 44.12 -16.72 2.67
C GLY A 39 43.24 -16.92 3.88
N TYR A 40 43.65 -16.41 5.03
CA TYR A 40 42.87 -16.59 6.25
C TYR A 40 41.45 -16.08 6.05
N VAL A 41 40.49 -16.80 6.60
CA VAL A 41 39.10 -16.36 6.56
C VAL A 41 38.66 -15.88 7.94
N SER A 42 38.32 -14.61 8.00
CA SER A 42 38.02 -13.91 9.23
C SER A 42 36.52 -13.71 9.33
N GLN A 43 35.98 -13.97 10.52
CA GLN A 43 34.56 -13.76 10.79
C GLN A 43 34.42 -12.50 11.62
N GLN A 44 33.84 -11.48 11.02
CA GLN A 44 33.52 -10.23 11.68
C GLN A 44 32.01 -10.10 11.57
N GLY A 45 31.32 -10.74 12.50
CA GLY A 45 29.87 -10.69 12.53
C GLY A 45 29.25 -11.52 11.44
N GLY A 46 29.37 -12.84 11.53
CA GLY A 46 28.80 -13.73 10.53
C GLY A 46 29.42 -13.57 9.15
N GLN A 47 30.20 -12.50 8.97
CA GLN A 47 30.91 -12.19 7.72
C GLN A 47 32.23 -12.95 7.68
N ARG A 48 32.29 -14.04 6.92
CA ARG A 48 33.54 -14.77 6.72
C ARG A 48 34.21 -14.24 5.44
N SER A 49 35.41 -13.65 5.56
CA SER A 49 36.04 -12.96 4.41
C SER A 49 37.56 -13.08 4.41
N THR A 50 38.17 -12.88 3.24
CA THR A 50 39.62 -12.80 3.10
C THR A 50 40.06 -11.35 2.87
N PRO A 51 41.30 -11.02 3.22
CA PRO A 51 41.77 -9.65 3.02
C PRO A 51 41.40 -9.10 1.66
N LEU A 52 41.73 -9.82 0.60
CA LEU A 52 41.29 -9.41 -0.72
C LEU A 52 39.81 -9.13 -0.72
N ILE A 53 39.04 -10.12 -0.30
CA ILE A 53 37.59 -10.03 -0.43
C ILE A 53 37.08 -8.79 0.26
N ILE A 54 37.61 -8.50 1.45
CA ILE A 54 37.06 -7.37 2.18
C ILE A 54 37.40 -6.06 1.49
N ALA A 55 38.66 -5.91 1.07
CA ALA A 55 39.07 -4.69 0.38
C ALA A 55 38.31 -4.51 -0.91
N ALA A 56 38.00 -5.60 -1.61
CA ALA A 56 37.16 -5.53 -2.81
C ALA A 56 35.74 -5.10 -2.48
N ARG A 57 35.24 -5.51 -1.31
CA ARG A 57 33.90 -5.16 -0.90
C ARG A 57 33.83 -3.70 -0.48
N ASN A 58 34.92 -3.17 0.08
CA ASN A 58 34.96 -1.80 0.57
C ASN A 58 35.55 -0.76 -0.42
N GLY A 59 35.85 -1.15 -1.66
CA GLY A 59 36.36 -0.22 -2.64
C GLY A 59 37.74 0.34 -2.39
N HIS A 60 38.61 -0.42 -1.72
CA HIS A 60 40.00 -0.04 -1.49
C HIS A 60 40.91 -0.49 -2.62
N ALA A 61 40.79 0.22 -3.74
CA ALA A 61 41.59 -0.07 -4.93
C ALA A 61 43.09 -0.19 -4.62
N LYS A 62 43.63 0.75 -3.86
CA LYS A 62 45.02 0.68 -3.46
C LYS A 62 45.32 -0.69 -2.85
N VAL A 63 44.59 -1.06 -1.82
CA VAL A 63 44.84 -2.37 -1.23
C VAL A 63 44.62 -3.46 -2.25
N VAL A 64 43.62 -3.30 -3.11
CA VAL A 64 43.30 -4.36 -4.06
C VAL A 64 44.42 -4.51 -5.06
N ARG A 65 44.86 -3.39 -5.64
CA ARG A 65 45.97 -3.44 -6.58
C ARG A 65 47.18 -4.12 -5.96
N LEU A 66 47.54 -3.72 -4.75
CA LEU A 66 48.68 -4.32 -4.09
C LEU A 66 48.54 -5.83 -4.04
N LEU A 67 47.42 -6.30 -3.50
CA LEU A 67 47.30 -7.73 -3.29
C LEU A 67 47.58 -8.46 -4.59
N LEU A 68 46.97 -7.95 -5.67
CA LEU A 68 47.11 -8.58 -6.99
C LEU A 68 48.49 -8.40 -7.60
N GLU A 69 48.98 -7.15 -7.74
CA GLU A 69 50.26 -6.93 -8.42
C GLU A 69 51.39 -7.67 -7.73
N HIS A 70 51.64 -7.33 -6.47
CA HIS A 70 52.81 -7.91 -5.81
C HIS A 70 52.52 -9.34 -5.40
N TYR A 71 51.63 -9.50 -4.43
CA TYR A 71 51.47 -10.78 -3.74
C TYR A 71 50.75 -11.82 -4.58
N ARG A 72 50.08 -11.40 -5.64
CA ARG A 72 49.44 -12.33 -6.57
C ARG A 72 48.60 -13.34 -5.81
N VAL A 73 47.64 -12.80 -5.06
CA VAL A 73 46.68 -13.63 -4.36
C VAL A 73 45.62 -14.15 -5.32
N GLN A 74 45.02 -15.29 -4.95
CA GLN A 74 44.04 -15.96 -5.77
C GLN A 74 42.82 -15.08 -6.02
N THR A 75 42.45 -14.95 -7.28
CA THR A 75 41.29 -14.16 -7.68
C THR A 75 39.95 -14.85 -7.42
N GLN A 76 39.95 -16.15 -7.15
CA GLN A 76 38.70 -16.90 -6.98
C GLN A 76 38.34 -17.17 -5.53
N GLN A 77 39.07 -16.60 -4.58
CA GLN A 77 38.74 -16.80 -3.19
C GLN A 77 37.28 -16.53 -2.96
N THR A 78 36.57 -17.54 -2.48
CA THR A 78 35.17 -17.46 -2.12
C THR A 78 35.03 -16.95 -0.66
N GLY A 79 33.85 -16.41 -0.35
CA GLY A 79 33.61 -15.93 1.00
C GLY A 79 32.12 -15.69 1.18
N THR A 80 31.75 -15.29 2.41
CA THR A 80 30.37 -14.95 2.77
C THR A 80 30.36 -13.53 3.35
N VAL A 81 29.82 -12.58 2.59
CA VAL A 81 29.84 -11.16 2.94
C VAL A 81 28.43 -10.66 3.20
N ARG A 82 28.35 -9.48 3.82
CA ARG A 82 27.09 -8.85 4.19
C ARG A 82 26.85 -7.65 3.30
N PHE A 83 25.58 -7.41 2.98
CA PHE A 83 25.16 -6.21 2.26
C PHE A 83 23.87 -5.74 2.89
N ASP A 84 23.91 -4.60 3.58
CA ASP A 84 22.72 -3.95 4.11
C ASP A 84 21.81 -4.96 4.81
N GLY A 85 22.39 -5.65 5.79
CA GLY A 85 21.64 -6.53 6.66
C GLY A 85 21.85 -8.02 6.47
N TYR A 86 21.48 -8.52 5.29
CA TYR A 86 21.56 -9.94 4.97
C TYR A 86 22.97 -10.31 4.52
N VAL A 87 23.31 -11.60 4.64
CA VAL A 87 24.62 -12.10 4.26
C VAL A 87 24.49 -13.10 3.10
N ILE A 88 25.29 -12.89 2.05
CA ILE A 88 25.32 -13.72 0.85
C ILE A 88 26.48 -14.69 0.97
N ASP A 89 26.32 -15.89 0.41
CA ASP A 89 27.33 -16.93 0.50
C ASP A 89 27.87 -17.29 -0.88
N GLY A 90 29.11 -17.78 -0.88
CA GLY A 90 29.80 -18.08 -2.13
C GLY A 90 30.28 -16.88 -2.90
N ALA A 91 30.68 -15.81 -2.24
CA ALA A 91 31.08 -14.61 -2.95
C ALA A 91 32.59 -14.54 -3.17
N THR A 92 32.95 -13.98 -4.29
CA THR A 92 34.32 -13.70 -4.65
C THR A 92 34.49 -12.19 -4.52
N ALA A 93 35.74 -11.74 -4.49
CA ALA A 93 35.97 -10.29 -4.47
C ALA A 93 35.18 -9.56 -5.55
N LEU A 94 35.23 -10.09 -6.77
CA LEU A 94 34.51 -9.50 -7.88
C LEU A 94 33.02 -9.39 -7.59
N TRP A 95 32.43 -10.41 -6.98
CA TRP A 95 31.01 -10.32 -6.68
C TRP A 95 30.73 -9.15 -5.74
N CYS A 96 31.52 -9.05 -4.67
CA CYS A 96 31.39 -7.92 -3.76
C CYS A 96 31.60 -6.59 -4.49
N ALA A 97 32.65 -6.49 -5.31
CA ALA A 97 32.87 -5.23 -6.00
C ALA A 97 31.77 -4.91 -7.00
N ALA A 98 31.14 -5.91 -7.57
CA ALA A 98 30.09 -5.61 -8.53
C ALA A 98 28.92 -4.95 -7.84
N GLY A 99 28.27 -5.66 -6.91
CA GLY A 99 27.09 -5.10 -6.26
C GLY A 99 27.36 -3.92 -5.35
N ALA A 100 28.59 -3.73 -4.93
CA ALA A 100 28.96 -2.55 -4.18
C ALA A 100 29.32 -1.36 -5.06
N GLY A 101 29.19 -1.46 -6.39
CA GLY A 101 29.41 -0.34 -7.28
C GLY A 101 30.84 0.20 -7.33
N HIS A 102 31.84 -0.60 -6.96
CA HIS A 102 33.23 -0.17 -6.98
C HIS A 102 33.85 -0.46 -8.34
N PHE A 103 33.44 0.34 -9.32
CA PHE A 103 33.89 0.10 -10.69
C PHE A 103 35.40 0.01 -10.78
N GLU A 104 36.12 0.89 -10.07
CA GLU A 104 37.57 0.83 -10.09
C GLU A 104 38.07 -0.54 -9.64
N VAL A 105 37.52 -1.05 -8.56
CA VAL A 105 37.97 -2.34 -8.06
C VAL A 105 37.67 -3.42 -9.06
N VAL A 106 36.51 -3.31 -9.72
CA VAL A 106 36.05 -4.35 -10.64
C VAL A 106 36.99 -4.47 -11.83
N LYS A 107 37.21 -3.37 -12.55
CA LYS A 107 38.13 -3.43 -13.69
C LYS A 107 39.43 -4.12 -13.29
N LEU A 108 40.04 -3.63 -12.22
CA LEU A 108 41.27 -4.20 -11.69
C LEU A 108 41.13 -5.70 -11.46
N LEU A 109 40.03 -6.11 -10.81
CA LEU A 109 39.83 -7.53 -10.58
C LEU A 109 39.77 -8.30 -11.90
N VAL A 110 38.99 -7.79 -12.84
CA VAL A 110 38.86 -8.43 -14.14
C VAL A 110 40.18 -8.39 -14.90
N SER A 111 40.77 -7.20 -15.00
CA SER A 111 42.06 -7.04 -15.67
C SER A 111 43.11 -8.00 -15.14
N HIS A 112 42.98 -8.51 -13.91
CA HIS A 112 43.92 -9.50 -13.40
C HIS A 112 43.32 -10.88 -13.46
N GLY A 113 42.46 -11.10 -14.46
CA GLY A 113 41.96 -12.42 -14.76
C GLY A 113 41.12 -13.03 -13.68
N ALA A 114 39.92 -12.51 -13.54
CA ALA A 114 39.00 -12.90 -12.49
C ALA A 114 37.76 -13.49 -13.13
N ASN A 115 37.27 -14.63 -12.62
CA ASN A 115 36.09 -15.23 -13.26
C ASN A 115 34.91 -14.26 -13.28
N VAL A 116 34.51 -13.78 -14.46
CA VAL A 116 33.37 -12.88 -14.53
C VAL A 116 32.06 -13.60 -14.40
N ASN A 117 32.03 -14.92 -14.59
CA ASN A 117 30.79 -15.66 -14.52
C ASN A 117 30.72 -16.53 -13.31
N HIS A 118 31.49 -16.24 -12.28
CA HIS A 118 31.42 -17.06 -11.10
C HIS A 118 30.00 -16.99 -10.56
N THR A 119 29.55 -18.05 -9.93
CA THR A 119 28.19 -18.14 -9.42
C THR A 119 28.19 -18.34 -7.92
N THR A 120 27.56 -17.43 -7.20
CA THR A 120 27.49 -17.57 -5.74
C THR A 120 26.67 -18.80 -5.42
N VAL A 121 26.39 -18.97 -4.12
CA VAL A 121 25.59 -20.12 -3.69
C VAL A 121 24.22 -20.08 -4.37
N THR A 122 23.60 -18.91 -4.39
CA THR A 122 22.29 -18.80 -5.01
C THR A 122 22.40 -18.68 -6.51
N ASN A 123 23.59 -18.93 -7.03
CA ASN A 123 23.86 -18.87 -8.46
C ASN A 123 23.60 -17.44 -8.96
N SER A 124 24.32 -16.50 -8.38
CA SER A 124 24.17 -15.09 -8.69
C SER A 124 25.44 -14.59 -9.31
N THR A 125 25.39 -14.24 -10.59
CA THR A 125 26.55 -13.69 -11.22
C THR A 125 26.86 -12.34 -10.64
N PRO A 126 28.12 -11.93 -10.71
CA PRO A 126 28.44 -10.54 -10.40
C PRO A 126 27.69 -9.61 -11.30
N LEU A 127 27.46 -10.03 -12.54
CA LEU A 127 26.57 -9.25 -13.38
C LEU A 127 25.22 -9.08 -12.72
N ARG A 128 24.67 -10.18 -12.17
CA ARG A 128 23.41 -10.06 -11.44
C ARG A 128 23.50 -8.99 -10.36
N ALA A 129 24.60 -8.99 -9.59
CA ALA A 129 24.80 -7.97 -8.57
C ALA A 129 24.71 -6.55 -9.16
N ALA A 130 25.45 -6.31 -10.24
CA ALA A 130 25.47 -4.98 -10.85
C ALA A 130 24.11 -4.60 -11.41
N CYS A 131 23.37 -5.56 -11.95
CA CYS A 131 22.04 -5.22 -12.43
C CYS A 131 21.10 -4.89 -11.29
N PHE A 132 21.29 -5.51 -10.13
CA PHE A 132 20.56 -5.11 -8.94
C PHE A 132 20.94 -3.69 -8.53
N ASP A 133 22.25 -3.46 -8.34
CA ASP A 133 22.69 -2.13 -7.97
C ASP A 133 22.29 -1.12 -9.03
N GLY A 134 22.48 -1.46 -10.30
CA GLY A 134 22.23 -0.54 -11.39
C GLY A 134 23.39 0.33 -11.80
N ARG A 135 24.62 -0.09 -11.51
CA ARG A 135 25.81 0.65 -11.90
C ARG A 135 26.08 0.32 -13.36
N LEU A 136 25.42 1.03 -14.27
CA LEU A 136 25.44 0.65 -15.68
C LEU A 136 26.84 0.46 -16.27
N ASP A 137 27.81 1.30 -15.91
CA ASP A 137 29.17 1.13 -16.45
C ASP A 137 29.74 -0.25 -16.13
N ILE A 138 29.63 -0.69 -14.87
CA ILE A 138 30.06 -2.05 -14.53
C ILE A 138 29.34 -3.07 -15.40
N VAL A 139 28.01 -2.97 -15.42
CA VAL A 139 27.21 -3.82 -16.29
C VAL A 139 27.81 -3.86 -17.69
N LYS A 140 27.92 -2.69 -18.31
CA LYS A 140 28.50 -2.64 -19.65
C LYS A 140 29.85 -3.35 -19.69
N TYR A 141 30.75 -2.94 -18.80
CA TYR A 141 32.10 -3.47 -18.77
C TYR A 141 32.11 -4.97 -18.50
N LEU A 142 31.27 -5.44 -17.60
CA LEU A 142 31.23 -6.88 -17.34
C LEU A 142 30.83 -7.63 -18.59
N VAL A 143 29.77 -7.15 -19.21
CA VAL A 143 29.27 -7.73 -20.45
C VAL A 143 30.34 -7.64 -21.52
N GLU A 144 31.08 -6.54 -21.56
CA GLU A 144 32.14 -6.45 -22.55
C GLU A 144 33.19 -7.50 -22.28
N ASN A 145 33.35 -7.92 -21.04
CA ASN A 145 34.28 -8.98 -20.75
C ASN A 145 33.58 -10.31 -20.56
N ASN A 146 32.65 -10.60 -21.46
CA ASN A 146 32.05 -11.92 -21.62
C ASN A 146 31.33 -12.41 -20.37
N ALA A 147 30.62 -11.52 -19.69
CA ALA A 147 29.78 -11.94 -18.59
C ALA A 147 28.45 -12.42 -19.16
N ASN A 148 28.12 -13.70 -18.96
CA ASN A 148 26.91 -14.27 -19.55
C ASN A 148 25.66 -13.73 -18.89
N ILE A 149 24.78 -13.10 -19.67
CA ILE A 149 23.52 -12.55 -19.18
C ILE A 149 22.47 -13.62 -18.88
N SER A 150 22.52 -14.75 -19.59
CA SER A 150 21.48 -15.76 -19.49
C SER A 150 21.48 -16.43 -18.15
N ILE A 151 22.63 -16.45 -17.47
CA ILE A 151 22.77 -17.06 -16.14
C ILE A 151 21.79 -16.43 -15.16
N ALA A 152 20.77 -17.18 -14.75
CA ALA A 152 19.81 -16.57 -13.84
C ALA A 152 20.16 -16.89 -12.41
N ASN A 153 19.19 -16.94 -11.55
CA ASN A 153 19.50 -17.23 -10.17
C ASN A 153 18.96 -18.60 -9.83
N LYS A 154 18.97 -18.90 -8.52
CA LYS A 154 18.39 -20.14 -8.01
C LYS A 154 16.94 -20.29 -8.41
N TYR A 155 16.23 -19.20 -8.69
CA TYR A 155 14.82 -19.31 -9.01
C TYR A 155 14.52 -18.84 -10.42
N ASP A 156 15.54 -18.81 -11.27
CA ASP A 156 15.37 -18.44 -12.67
C ASP A 156 14.91 -16.99 -12.79
N ASN A 157 15.48 -16.15 -11.93
CA ASN A 157 15.34 -14.71 -12.03
C ASN A 157 16.52 -14.20 -12.83
N THR A 158 16.21 -13.65 -13.99
CA THR A 158 17.23 -13.15 -14.89
C THR A 158 17.72 -11.77 -14.46
N CYS A 159 18.94 -11.44 -14.90
CA CYS A 159 19.45 -10.09 -14.73
C CYS A 159 18.46 -9.06 -15.27
N LEU A 160 17.76 -9.42 -16.35
CA LEU A 160 16.77 -8.52 -16.91
C LEU A 160 15.66 -8.26 -15.91
N MET A 161 15.23 -9.29 -15.22
CA MET A 161 14.11 -9.13 -14.32
C MET A 161 14.50 -8.20 -13.20
N ILE A 162 15.54 -8.57 -12.46
CA ILE A 162 15.90 -7.81 -11.27
C ILE A 162 16.03 -6.33 -11.60
N ALA A 163 16.56 -6.02 -12.78
CA ALA A 163 16.70 -4.64 -13.23
C ALA A 163 15.33 -4.00 -13.44
N ALA A 164 14.43 -4.74 -14.05
CA ALA A 164 13.06 -4.31 -14.19
C ALA A 164 12.36 -4.14 -12.85
N TYR A 165 12.75 -4.92 -11.82
CA TYR A 165 12.16 -4.75 -10.50
C TYR A 165 12.51 -3.40 -9.91
N LYS A 166 13.82 -3.15 -9.75
CA LYS A 166 14.32 -1.83 -9.39
C LYS A 166 13.93 -0.89 -10.51
N GLY A 167 14.41 0.33 -10.54
CA GLY A 167 13.94 1.08 -11.69
C GLY A 167 14.97 1.29 -12.77
N HIS A 168 15.80 0.31 -13.06
CA HIS A 168 17.03 0.64 -13.78
C HIS A 168 16.83 0.67 -15.29
N THR A 169 16.01 1.64 -15.72
CA THR A 169 15.62 1.75 -17.13
C THR A 169 16.82 1.77 -18.05
N ASP A 170 17.89 2.48 -17.67
CA ASP A 170 19.09 2.50 -18.50
C ASP A 170 19.68 1.10 -18.61
N VAL A 171 19.80 0.39 -17.49
CA VAL A 171 20.35 -0.97 -17.52
C VAL A 171 19.44 -1.92 -18.30
N VAL A 172 18.13 -1.82 -18.10
CA VAL A 172 17.22 -2.68 -18.83
C VAL A 172 17.39 -2.49 -20.32
N ARG A 173 17.36 -1.23 -20.78
CA ARG A 173 17.55 -0.94 -22.20
C ARG A 173 18.86 -1.53 -22.70
N TYR A 174 19.95 -1.35 -21.94
CA TYR A 174 21.22 -1.94 -22.36
C TYR A 174 21.12 -3.46 -22.50
N LEU A 175 20.60 -4.14 -21.47
CA LEU A 175 20.45 -5.57 -21.58
C LEU A 175 19.63 -5.96 -22.81
N LEU A 176 18.55 -5.23 -23.09
CA LEU A 176 17.73 -5.57 -24.25
C LEU A 176 18.54 -5.49 -25.55
N GLU A 177 19.36 -4.45 -25.71
CA GLU A 177 20.23 -4.38 -26.87
C GLU A 177 21.22 -5.52 -26.87
N GLN A 178 21.69 -5.92 -25.70
CA GLN A 178 22.51 -7.11 -25.64
C GLN A 178 21.71 -8.36 -25.77
N ARG A 179 20.47 -8.21 -26.26
CA ARG A 179 19.62 -9.32 -26.70
C ARG A 179 19.25 -10.24 -25.57
N ALA A 180 19.08 -9.72 -24.36
CA ALA A 180 18.63 -10.54 -23.24
C ALA A 180 17.20 -11.00 -23.49
N ASP A 181 16.92 -12.27 -23.28
CA ASP A 181 15.61 -12.77 -23.64
C ASP A 181 14.51 -12.13 -22.79
N PRO A 182 13.68 -11.26 -23.38
CA PRO A 182 12.65 -10.60 -22.57
C PRO A 182 11.59 -11.54 -22.09
N ASN A 183 11.52 -12.73 -22.67
CA ASN A 183 10.44 -13.62 -22.34
C ASN A 183 10.90 -14.70 -21.41
N ALA A 184 12.06 -14.53 -20.81
CA ALA A 184 12.48 -15.49 -19.80
C ALA A 184 11.41 -15.59 -18.73
N LYS A 185 11.23 -16.79 -18.21
CA LYS A 185 10.20 -17.04 -17.22
C LYS A 185 10.90 -17.37 -15.91
N ALA A 186 10.16 -17.31 -14.80
CA ALA A 186 10.73 -17.60 -13.50
C ALA A 186 9.94 -18.70 -12.83
N HIS A 187 10.51 -19.25 -11.75
CA HIS A 187 9.80 -20.27 -11.01
C HIS A 187 8.38 -19.83 -10.70
N CYS A 188 8.23 -18.66 -10.09
CA CYS A 188 6.90 -18.14 -9.81
C CYS A 188 6.12 -17.86 -11.09
N GLY A 189 6.75 -18.08 -12.24
CA GLY A 189 6.08 -17.89 -13.51
C GLY A 189 5.93 -16.44 -13.91
N ALA A 190 7.01 -15.67 -13.78
CA ALA A 190 6.97 -14.23 -14.00
C ALA A 190 7.97 -13.86 -15.08
N THR A 191 7.70 -12.74 -15.74
CA THR A 191 8.58 -12.16 -16.74
C THR A 191 9.07 -10.82 -16.25
N ALA A 192 10.16 -10.33 -16.86
CA ALA A 192 10.54 -8.96 -16.57
C ALA A 192 9.34 -8.03 -16.69
N LEU A 193 8.49 -8.27 -17.69
CA LEU A 193 7.29 -7.45 -17.84
C LEU A 193 6.40 -7.52 -16.59
N HIS A 194 6.15 -8.72 -16.08
CA HIS A 194 5.34 -8.84 -14.87
C HIS A 194 5.91 -7.99 -13.75
N PHE A 195 7.21 -8.11 -13.47
CA PHE A 195 7.80 -7.34 -12.37
C PHE A 195 7.63 -5.83 -12.58
N ALA A 196 8.17 -5.29 -13.67
CA ALA A 196 8.03 -3.85 -13.90
C ALA A 196 6.57 -3.39 -13.90
N ALA A 197 5.64 -4.26 -14.27
CA ALA A 197 4.23 -3.92 -14.20
C ALA A 197 3.75 -3.84 -12.77
N GLU A 198 4.29 -4.70 -11.90
CA GLU A 198 3.98 -4.59 -10.48
C GLU A 198 4.48 -3.27 -9.95
N ALA A 199 5.75 -2.96 -10.14
CA ALA A 199 6.16 -1.60 -9.89
C ALA A 199 5.47 -0.71 -10.94
N GLY A 200 5.66 0.59 -10.86
CA GLY A 200 5.00 1.38 -11.88
C GLY A 200 5.96 1.78 -12.97
N HIS A 201 6.84 0.88 -13.37
CA HIS A 201 7.99 1.25 -14.18
C HIS A 201 7.58 1.43 -15.63
N ILE A 202 6.90 2.55 -15.86
CA ILE A 202 6.29 2.88 -17.13
C ILE A 202 7.32 2.96 -18.25
N ASP A 203 8.50 3.51 -17.96
CA ASP A 203 9.54 3.56 -18.99
C ASP A 203 10.00 2.16 -19.36
N ILE A 204 10.26 1.34 -18.35
CA ILE A 204 10.70 -0.02 -18.65
C ILE A 204 9.61 -0.80 -19.35
N VAL A 205 8.36 -0.63 -18.94
CA VAL A 205 7.32 -1.39 -19.62
C VAL A 205 7.29 -0.99 -21.07
N LYS A 206 7.66 0.25 -21.37
CA LYS A 206 7.78 0.63 -22.77
C LYS A 206 8.85 -0.19 -23.47
N GLU A 207 10.09 -0.14 -22.97
CA GLU A 207 11.16 -0.84 -23.63
C GLU A 207 10.85 -2.32 -23.84
N LEU A 208 10.21 -2.95 -22.87
CA LEU A 208 9.93 -4.35 -23.07
C LEU A 208 9.00 -4.53 -24.25
N ILE A 209 7.99 -3.67 -24.33
CA ILE A 209 7.08 -3.67 -25.45
C ILE A 209 7.79 -3.31 -26.74
N LYS A 210 8.73 -2.36 -26.68
CA LYS A 210 9.59 -2.06 -27.82
C LYS A 210 10.29 -3.30 -28.33
N TRP A 211 10.46 -4.32 -27.51
CA TRP A 211 11.26 -5.45 -27.84
C TRP A 211 10.42 -6.69 -27.90
N ARG A 212 9.17 -6.52 -28.28
CA ARG A 212 8.24 -7.60 -28.53
C ARG A 212 8.27 -8.63 -27.42
N ALA A 213 7.89 -8.18 -26.23
CA ALA A 213 7.81 -9.04 -25.08
C ALA A 213 6.47 -9.79 -25.08
N ALA A 214 6.52 -11.09 -24.85
CA ALA A 214 5.28 -11.83 -24.82
C ALA A 214 4.46 -11.50 -23.59
N ILE A 215 3.16 -11.67 -23.74
CA ILE A 215 2.21 -11.52 -22.65
C ILE A 215 1.98 -12.92 -22.11
N VAL A 216 2.65 -13.27 -21.01
CA VAL A 216 2.52 -14.62 -20.46
C VAL A 216 1.65 -14.56 -19.22
N VAL A 217 1.41 -15.69 -18.60
CA VAL A 217 0.62 -15.70 -17.38
C VAL A 217 1.53 -15.97 -16.19
N ASN A 218 1.22 -15.29 -15.11
CA ASN A 218 1.83 -15.54 -13.83
C ASN A 218 1.59 -16.99 -13.43
N GLY A 219 2.44 -17.50 -12.53
CA GLY A 219 2.09 -18.71 -11.82
C GLY A 219 0.79 -18.57 -11.06
N HIS A 220 0.34 -17.35 -10.84
CA HIS A 220 -0.96 -17.01 -10.32
C HIS A 220 -2.02 -16.89 -11.40
N GLY A 221 -1.62 -16.76 -12.65
CA GLY A 221 -2.65 -16.62 -13.65
C GLY A 221 -2.89 -15.16 -13.90
N MET A 222 -1.80 -14.40 -13.97
CA MET A 222 -1.84 -12.95 -14.03
C MET A 222 -1.08 -12.50 -15.25
N THR A 223 -1.75 -11.78 -16.11
CA THR A 223 -1.06 -11.09 -17.15
C THR A 223 -0.23 -9.97 -16.52
N PRO A 224 0.73 -9.42 -17.23
CA PRO A 224 1.35 -8.20 -16.73
C PRO A 224 0.31 -7.11 -16.49
N LEU A 225 -0.69 -7.02 -17.35
CA LEU A 225 -1.78 -6.10 -17.13
C LEU A 225 -2.49 -6.36 -15.82
N LYS A 226 -2.92 -7.60 -15.59
CA LYS A 226 -3.65 -7.93 -14.37
C LYS A 226 -2.82 -7.56 -13.15
N VAL A 227 -1.53 -7.92 -13.18
CA VAL A 227 -0.61 -7.52 -12.12
C VAL A 227 -0.70 -6.02 -11.89
N ALA A 228 -0.42 -5.22 -12.93
CA ALA A 228 -0.42 -3.76 -12.81
C ALA A 228 -1.75 -3.20 -12.34
N ALA A 229 -2.87 -3.72 -12.86
CA ALA A 229 -4.18 -3.26 -12.39
C ALA A 229 -4.40 -3.62 -10.92
N GLU A 230 -3.96 -4.84 -10.54
CA GLU A 230 -4.04 -5.24 -9.14
C GLU A 230 -3.03 -4.50 -8.27
N SER A 231 -1.88 -4.16 -8.83
CA SER A 231 -0.94 -3.33 -8.11
C SER A 231 -1.29 -1.85 -8.24
N CYS A 232 -2.46 -1.58 -8.79
CA CYS A 232 -2.98 -0.23 -8.80
C CYS A 232 -2.06 0.75 -9.53
N LYS A 233 -1.45 0.31 -10.65
CA LYS A 233 -0.60 1.18 -11.48
C LYS A 233 -1.39 1.61 -12.70
N ALA A 234 -2.24 2.63 -12.50
CA ALA A 234 -3.17 3.06 -13.53
C ALA A 234 -2.51 3.34 -14.87
N ASP A 235 -1.41 4.11 -14.88
CA ASP A 235 -0.69 4.42 -16.11
C ASP A 235 -0.32 3.16 -16.89
N VAL A 236 0.48 2.28 -16.28
CA VAL A 236 0.88 1.06 -16.96
C VAL A 236 -0.32 0.37 -17.59
N VAL A 237 -1.41 0.28 -16.85
CA VAL A 237 -2.59 -0.39 -17.36
C VAL A 237 -3.01 0.26 -18.67
N GLU A 238 -3.10 1.58 -18.69
CA GLU A 238 -3.47 2.32 -19.89
C GLU A 238 -2.55 1.99 -21.07
N LEU A 239 -1.24 2.10 -20.84
CA LEU A 239 -0.27 1.75 -21.88
C LEU A 239 -0.49 0.31 -22.32
N LEU A 240 -0.41 -0.61 -21.39
CA LEU A 240 -0.53 -2.01 -21.76
C LEU A 240 -1.83 -2.28 -22.51
N LEU A 241 -2.86 -1.50 -22.22
CA LEU A 241 -4.14 -1.69 -22.90
C LEU A 241 -4.13 -1.23 -24.34
N SER A 242 -3.21 -0.39 -24.74
CA SER A 242 -3.08 -0.09 -26.16
C SER A 242 -2.33 -1.20 -26.89
N HIS A 243 -2.60 -2.46 -26.56
CA HIS A 243 -2.01 -3.60 -27.25
C HIS A 243 -3.09 -4.70 -27.32
N ALA A 244 -2.67 -5.94 -27.63
CA ALA A 244 -3.61 -7.03 -27.93
C ALA A 244 -4.35 -7.63 -26.75
N ASP A 245 -5.13 -6.82 -26.01
CA ASP A 245 -5.95 -7.33 -24.91
C ASP A 245 -7.19 -8.03 -25.45
N CYS A 246 -7.49 -9.20 -24.89
CA CYS A 246 -8.66 -10.00 -25.27
C CYS A 246 -9.94 -9.21 -25.51
N ASP A 247 -9.95 -8.42 -26.58
CA ASP A 247 -11.16 -7.80 -27.15
C ASP A 247 -12.01 -7.12 -26.07
N ARG A 248 -12.56 -7.92 -25.15
CA ARG A 248 -13.36 -7.39 -24.06
C ARG A 248 -13.04 -8.08 -22.75
N ARG A 249 -12.91 -9.40 -22.75
CA ARG A 249 -12.79 -10.09 -21.47
C ARG A 249 -11.60 -9.55 -20.68
N SER A 250 -10.39 -9.70 -21.23
CA SER A 250 -9.22 -9.19 -20.52
C SER A 250 -9.40 -7.74 -20.12
N ARG A 251 -9.82 -6.92 -21.09
CA ARG A 251 -9.98 -5.49 -20.88
C ARG A 251 -10.91 -5.18 -19.72
N ILE A 252 -12.17 -5.62 -19.82
CA ILE A 252 -13.14 -5.29 -18.78
C ILE A 252 -12.63 -5.74 -17.42
N GLU A 253 -12.02 -6.93 -17.34
CA GLU A 253 -11.48 -7.38 -16.08
C GLU A 253 -10.41 -6.43 -15.56
N ALA A 254 -9.39 -6.14 -16.37
CA ALA A 254 -8.35 -5.22 -15.95
C ALA A 254 -8.92 -3.90 -15.44
N LEU A 255 -9.83 -3.29 -16.21
CA LEU A 255 -10.47 -2.07 -15.74
C LEU A 255 -11.22 -2.28 -14.46
N GLU A 256 -11.97 -3.38 -14.38
CA GLU A 256 -12.72 -3.65 -13.17
C GLU A 256 -11.78 -3.83 -12.00
N LEU A 257 -10.73 -4.59 -12.21
CA LEU A 257 -9.76 -4.82 -11.14
C LEU A 257 -9.01 -3.53 -10.82
N LEU A 258 -8.51 -2.84 -11.83
CA LEU A 258 -7.83 -1.58 -11.59
C LEU A 258 -8.67 -0.69 -10.67
N GLY A 259 -9.91 -0.44 -11.07
CA GLY A 259 -10.78 0.42 -10.27
C GLY A 259 -11.04 -0.12 -8.88
N ALA A 260 -11.21 -1.43 -8.76
CA ALA A 260 -11.34 -2.05 -7.45
C ALA A 260 -10.06 -1.90 -6.63
N SER A 261 -8.91 -1.99 -7.27
CA SER A 261 -7.67 -1.84 -6.56
C SER A 261 -7.49 -0.44 -6.01
N PHE A 262 -8.32 0.52 -6.39
CA PHE A 262 -8.30 1.84 -5.79
C PHE A 262 -9.11 1.91 -4.49
N ALA A 263 -10.09 1.03 -4.32
CA ALA A 263 -10.81 0.92 -3.06
C ALA A 263 -10.00 0.16 -2.02
N ASN A 264 -9.37 -0.94 -2.43
CA ASN A 264 -8.64 -1.78 -1.47
C ASN A 264 -7.37 -1.11 -1.01
N ASP A 265 -6.50 -0.73 -1.95
CA ASP A 265 -5.16 -0.26 -1.62
C ASP A 265 -5.21 1.00 -0.78
N ARG A 266 -4.85 0.89 0.51
CA ARG A 266 -4.91 2.05 1.41
C ARG A 266 -3.83 3.09 1.10
N GLU A 267 -2.79 2.73 0.35
CA GLU A 267 -1.78 3.72 0.00
C GLU A 267 -2.32 4.68 -1.06
N ASN A 268 -2.80 4.14 -2.18
CA ASN A 268 -3.22 4.96 -3.31
C ASN A 268 -4.70 5.36 -3.25
N TYR A 269 -5.45 4.87 -2.26
CA TYR A 269 -6.88 5.06 -2.07
C TYR A 269 -7.51 6.25 -2.82
N ASP A 270 -8.33 5.97 -3.83
CA ASP A 270 -9.08 7.03 -4.50
C ASP A 270 -10.38 6.42 -5.00
N ILE A 271 -11.47 6.66 -4.27
CA ILE A 271 -12.75 6.12 -4.70
C ILE A 271 -13.21 6.74 -6.02
N ILE A 272 -12.99 8.04 -6.22
CA ILE A 272 -13.41 8.65 -7.48
C ILE A 272 -12.83 7.86 -8.64
N LYS A 273 -11.55 7.50 -8.53
CA LYS A 273 -10.93 6.65 -9.55
C LYS A 273 -11.60 5.28 -9.60
N THR A 274 -12.06 4.77 -8.47
CA THR A 274 -12.82 3.53 -8.52
C THR A 274 -14.01 3.66 -9.47
N TYR A 275 -14.97 4.53 -9.16
CA TYR A 275 -16.15 4.62 -10.01
C TYR A 275 -15.79 4.92 -11.46
N HIS A 276 -14.77 5.76 -11.68
CA HIS A 276 -14.34 6.06 -13.04
C HIS A 276 -14.04 4.79 -13.83
N TYR A 277 -13.17 3.94 -13.28
CA TYR A 277 -12.83 2.75 -14.02
C TYR A 277 -13.92 1.69 -13.93
N LEU A 278 -14.59 1.60 -12.80
CA LEU A 278 -15.65 0.62 -12.69
C LEU A 278 -16.80 0.94 -13.64
N TYR A 279 -17.13 2.22 -13.77
CA TYR A 279 -18.17 2.61 -14.71
C TYR A 279 -17.71 2.47 -16.14
N LEU A 280 -16.44 2.81 -16.41
CA LEU A 280 -15.91 2.55 -17.74
C LEU A 280 -16.10 1.09 -18.13
N ALA A 281 -15.68 0.17 -17.28
CA ALA A 281 -15.78 -1.24 -17.62
C ALA A 281 -17.22 -1.67 -17.81
N MET A 282 -18.12 -1.16 -16.97
CA MET A 282 -19.52 -1.52 -17.17
C MET A 282 -19.96 -1.17 -18.57
N LEU A 283 -19.52 -0.02 -19.09
CA LEU A 283 -19.87 0.39 -20.45
C LEU A 283 -19.36 -0.60 -21.48
N GLU A 284 -18.09 -0.94 -21.44
CA GLU A 284 -17.62 -1.94 -22.37
C GLU A 284 -18.52 -3.17 -22.33
N ARG A 285 -19.02 -3.50 -21.13
CA ARG A 285 -19.89 -4.65 -21.01
C ARG A 285 -21.22 -4.42 -21.70
N PHE A 286 -21.69 -3.18 -21.76
CA PHE A 286 -23.04 -2.89 -22.22
C PHE A 286 -23.00 -1.95 -23.41
N GLN A 287 -22.52 -2.41 -24.53
CA GLN A 287 -22.79 -1.65 -25.73
C GLN A 287 -23.57 -2.46 -26.74
N ASP A 288 -23.44 -3.80 -26.67
CA ASP A 288 -24.09 -4.75 -27.58
C ASP A 288 -25.40 -5.25 -26.97
N GLY A 289 -26.37 -4.36 -26.94
CA GLY A 289 -27.69 -4.66 -26.41
C GLY A 289 -28.58 -3.44 -26.44
N ILE A 292 -23.80 -8.88 -26.17
CA ILE A 292 -23.96 -8.52 -24.75
C ILE A 292 -23.15 -9.37 -23.75
N LEU A 293 -22.20 -8.73 -23.06
CA LEU A 293 -21.33 -9.41 -22.11
C LEU A 293 -21.78 -9.09 -20.70
N GLU A 294 -21.99 -10.12 -19.88
CA GLU A 294 -22.70 -9.96 -18.64
C GLU A 294 -21.93 -10.51 -17.45
N LYS A 295 -22.33 -10.04 -16.26
CA LYS A 295 -21.66 -10.30 -14.98
C LYS A 295 -22.24 -11.49 -14.23
N GLU A 296 -21.40 -12.46 -13.88
CA GLU A 296 -21.79 -13.58 -13.04
C GLU A 296 -21.53 -13.21 -11.58
N VAL A 297 -22.55 -12.75 -10.91
CA VAL A 297 -22.39 -12.09 -9.62
C VAL A 297 -22.45 -13.09 -8.47
N LEU A 298 -21.61 -12.89 -7.47
CA LEU A 298 -21.57 -13.73 -6.28
C LEU A 298 -22.58 -13.26 -5.23
N PRO A 299 -23.02 -14.15 -4.35
CA PRO A 299 -24.12 -13.82 -3.42
C PRO A 299 -23.66 -12.91 -2.31
N PRO A 300 -24.58 -12.25 -1.60
CA PRO A 300 -24.15 -11.40 -0.49
C PRO A 300 -23.42 -12.22 0.55
N ILE A 301 -22.68 -11.51 1.39
CA ILE A 301 -21.93 -12.13 2.47
C ILE A 301 -21.98 -11.15 3.61
N HIS A 302 -21.70 -11.63 4.81
CA HIS A 302 -21.55 -10.69 5.91
C HIS A 302 -20.32 -9.82 5.71
N ALA A 303 -19.26 -10.41 5.16
CA ALA A 303 -17.97 -9.73 5.00
C ALA A 303 -18.12 -8.33 4.42
N TYR A 304 -18.84 -8.19 3.32
CA TYR A 304 -18.97 -6.92 2.65
C TYR A 304 -20.38 -6.34 2.81
N GLY A 305 -20.95 -6.45 4.00
CA GLY A 305 -22.34 -6.08 4.11
C GLY A 305 -23.19 -7.01 3.27
N ASN A 306 -24.50 -7.03 3.48
CA ASN A 306 -25.26 -8.02 2.75
C ASN A 306 -25.49 -7.48 1.34
N ARG A 307 -24.43 -7.05 0.68
CA ARG A 307 -24.52 -6.36 -0.59
C ARG A 307 -24.14 -7.25 -1.77
N THR A 308 -24.68 -6.87 -2.92
CA THR A 308 -24.41 -7.54 -4.18
C THR A 308 -23.88 -6.55 -5.22
N GLU A 309 -22.90 -6.99 -6.00
CA GLU A 309 -22.27 -6.11 -6.96
C GLU A 309 -23.32 -5.61 -7.95
N CYS A 310 -23.03 -4.46 -8.56
CA CYS A 310 -23.89 -3.92 -9.59
C CYS A 310 -23.71 -4.69 -10.88
N ARG A 311 -24.81 -4.95 -11.58
CA ARG A 311 -24.77 -5.64 -12.86
C ARG A 311 -25.05 -4.73 -14.05
N ASN A 312 -25.63 -3.56 -13.84
CA ASN A 312 -26.01 -2.65 -14.91
C ASN A 312 -25.51 -1.23 -14.61
N PRO A 313 -25.32 -0.42 -15.67
CA PRO A 313 -24.86 0.96 -15.45
C PRO A 313 -25.74 1.73 -14.50
N GLN A 314 -27.05 1.51 -14.59
CA GLN A 314 -28.00 2.21 -13.74
C GLN A 314 -27.79 1.85 -12.28
N GLU A 315 -27.45 0.58 -12.02
CA GLU A 315 -27.10 0.20 -10.66
C GLU A 315 -25.87 0.96 -10.20
N LEU A 316 -24.84 1.04 -11.06
CA LEU A 316 -23.65 1.80 -10.73
C LEU A 316 -23.94 3.30 -10.62
N GLU A 317 -24.69 3.85 -11.57
CA GLU A 317 -24.96 5.29 -11.53
C GLU A 317 -25.55 5.72 -10.19
N SER A 318 -26.35 4.86 -9.58
CA SER A 318 -26.96 5.18 -8.29
C SER A 318 -25.93 5.27 -7.18
N ILE A 319 -24.88 4.47 -7.26
CA ILE A 319 -23.87 4.44 -6.19
C ILE A 319 -22.89 5.60 -6.27
N ARG A 320 -22.75 6.23 -7.43
CA ARG A 320 -21.73 7.24 -7.70
C ARG A 320 -21.43 8.14 -6.50
N GLN A 321 -22.46 8.51 -5.75
CA GLN A 321 -22.28 9.46 -4.67
C GLN A 321 -22.15 8.80 -3.30
N ASP A 322 -22.13 7.48 -3.21
CA ASP A 322 -22.06 6.82 -1.93
C ASP A 322 -20.63 6.31 -1.72
N ARG A 323 -19.79 7.16 -1.13
CA ARG A 323 -18.40 6.82 -0.81
C ARG A 323 -18.33 5.46 -0.13
N ASP A 324 -19.25 5.20 0.80
CA ASP A 324 -19.28 3.95 1.53
C ASP A 324 -19.59 2.78 0.61
N ALA A 325 -20.68 2.89 -0.14
CA ALA A 325 -21.08 1.78 -0.99
C ALA A 325 -20.00 1.45 -2.00
N LEU A 326 -19.41 2.48 -2.59
CA LEU A 326 -18.34 2.26 -3.55
C LEU A 326 -17.17 1.53 -2.90
N HIS A 327 -16.81 1.90 -1.67
CA HIS A 327 -15.75 1.17 -0.98
C HIS A 327 -16.04 -0.32 -0.91
N MET A 328 -17.27 -0.67 -0.52
CA MET A 328 -17.66 -2.07 -0.51
C MET A 328 -17.55 -2.68 -1.90
N GLU A 329 -18.13 -2.02 -2.90
CA GLU A 329 -18.17 -2.59 -4.24
C GLU A 329 -16.79 -3.01 -4.69
N GLY A 330 -15.83 -2.09 -4.57
CA GLY A 330 -14.45 -2.40 -4.90
C GLY A 330 -13.94 -3.67 -4.28
N LEU A 331 -14.34 -3.93 -3.04
CA LEU A 331 -13.97 -5.15 -2.33
C LEU A 331 -14.68 -6.34 -2.95
N ILE A 332 -15.98 -6.20 -3.15
CA ILE A 332 -16.75 -7.25 -3.79
C ILE A 332 -16.15 -7.59 -5.13
N VAL A 333 -15.95 -6.54 -5.94
CA VAL A 333 -15.33 -6.67 -7.26
C VAL A 333 -14.00 -7.40 -7.17
N ARG A 334 -13.13 -6.94 -6.30
CA ARG A 334 -11.84 -7.59 -6.17
C ARG A 334 -12.02 -9.03 -5.71
N GLU A 335 -12.96 -9.25 -4.79
CA GLU A 335 -13.24 -10.61 -4.35
C GLU A 335 -13.59 -11.53 -5.51
N ARG A 336 -14.40 -11.05 -6.45
CA ARG A 336 -14.76 -11.89 -7.60
C ARG A 336 -13.56 -12.22 -8.45
N ILE A 337 -12.90 -11.20 -8.99
CA ILE A 337 -11.83 -11.38 -9.95
C ILE A 337 -10.68 -12.20 -9.38
N LEU A 338 -10.44 -12.11 -8.06
CA LEU A 338 -9.29 -12.81 -7.50
C LEU A 338 -9.62 -13.97 -6.58
N GLY A 339 -10.55 -13.82 -5.64
CA GLY A 339 -10.85 -14.91 -4.72
C GLY A 339 -10.09 -14.91 -3.39
N MET B 3 -44.43 35.76 -14.00
CA MET B 3 -43.10 36.13 -14.48
C MET B 3 -42.06 35.02 -14.26
N GLU B 4 -40.78 35.42 -14.32
CA GLU B 4 -39.64 34.53 -14.11
C GLU B 4 -38.35 35.34 -14.21
N GLY B 5 -37.19 34.73 -13.89
CA GLY B 5 -35.90 35.35 -14.17
C GLY B 5 -35.03 35.78 -13.00
N LEU B 6 -35.64 36.51 -12.07
CA LEU B 6 -34.95 37.08 -10.91
C LEU B 6 -34.30 36.01 -10.04
N ALA B 7 -34.82 34.79 -10.05
CA ALA B 7 -34.30 33.73 -9.21
C ALA B 7 -32.80 33.56 -9.36
N GLY B 8 -32.29 33.73 -10.59
CA GLY B 8 -30.86 33.62 -10.79
C GLY B 8 -30.07 34.67 -10.04
N TYR B 9 -30.49 35.93 -10.15
CA TYR B 9 -29.78 37.01 -9.46
C TYR B 9 -29.84 36.85 -7.94
N VAL B 10 -30.92 36.24 -7.45
CA VAL B 10 -31.01 36.04 -6.00
C VAL B 10 -30.11 34.90 -5.55
N TYR B 11 -30.06 33.81 -6.33
CA TYR B 11 -29.20 32.70 -5.98
C TYR B 11 -27.72 33.11 -6.01
N LYS B 12 -27.34 33.91 -7.01
CA LYS B 12 -26.01 34.48 -7.06
C LYS B 12 -25.69 35.24 -5.78
N ALA B 13 -26.48 36.29 -5.49
CA ALA B 13 -26.25 37.08 -4.28
C ALA B 13 -26.15 36.18 -3.06
N ALA B 14 -26.97 35.13 -3.04
CA ALA B 14 -26.94 34.18 -1.94
C ALA B 14 -25.60 33.47 -1.87
N SER B 15 -25.14 32.99 -3.02
CA SER B 15 -23.88 32.25 -3.08
C SER B 15 -22.74 33.04 -2.48
N GLU B 16 -22.70 34.33 -2.79
CA GLU B 16 -21.65 35.20 -2.31
C GLU B 16 -22.09 35.79 -0.99
N GLY B 17 -21.12 35.98 -0.10
CA GLY B 17 -21.42 36.57 1.19
C GLY B 17 -22.01 37.96 1.06
N LYS B 18 -22.34 38.33 -0.19
CA LYS B 18 -22.80 39.65 -0.57
C LYS B 18 -24.22 39.85 -0.05
N VAL B 19 -24.31 40.06 1.27
CA VAL B 19 -25.61 40.31 1.92
C VAL B 19 -26.22 41.60 1.40
N LEU B 20 -25.37 42.53 0.97
CA LEU B 20 -25.84 43.79 0.44
C LEU B 20 -26.78 43.57 -0.75
N THR B 21 -26.30 42.87 -1.77
CA THR B 21 -27.09 42.61 -2.97
C THR B 21 -28.51 42.16 -2.63
N LEU B 22 -28.63 41.23 -1.68
CA LEU B 22 -29.93 40.73 -1.25
C LEU B 22 -30.88 41.87 -0.93
N ALA B 23 -30.47 42.72 0.02
CA ALA B 23 -31.29 43.86 0.42
C ALA B 23 -31.87 44.60 -0.79
N ALA B 24 -31.01 44.98 -1.74
CA ALA B 24 -31.47 45.65 -2.96
C ALA B 24 -32.49 44.82 -3.74
N LEU B 25 -32.42 43.49 -3.61
CA LEU B 25 -33.29 42.59 -4.33
C LEU B 25 -34.65 42.41 -3.66
N LEU B 26 -34.84 42.91 -2.43
CA LEU B 26 -36.03 42.68 -1.61
C LEU B 26 -36.88 43.94 -1.38
N LEU B 27 -37.03 44.79 -2.39
CA LEU B 27 -37.89 45.97 -2.23
C LEU B 27 -39.37 45.69 -2.48
N ASN B 28 -39.90 46.19 -3.61
CA ASN B 28 -41.35 46.16 -3.86
C ASN B 28 -41.75 44.75 -4.27
N ARG B 29 -41.71 43.86 -3.27
CA ARG B 29 -41.98 42.45 -3.49
C ARG B 29 -43.14 41.97 -2.64
N SER B 30 -43.99 41.15 -3.26
CA SER B 30 -45.13 40.53 -2.61
C SER B 30 -44.68 39.37 -1.73
N GLU B 31 -45.49 39.06 -0.72
CA GLU B 31 -45.18 37.91 0.12
C GLU B 31 -45.13 36.64 -0.74
N SER B 32 -46.08 36.51 -1.67
CA SER B 32 -46.08 35.42 -2.65
C SER B 32 -44.79 35.37 -3.46
N ASP B 33 -44.16 36.53 -3.70
CA ASP B 33 -42.95 36.54 -4.50
C ASP B 33 -41.82 35.78 -3.81
N ILE B 34 -41.73 35.92 -2.48
CA ILE B 34 -40.68 35.23 -1.75
C ILE B 34 -40.74 33.71 -1.96
N ARG B 35 -41.89 33.17 -2.34
CA ARG B 35 -41.95 31.74 -2.65
C ARG B 35 -41.19 31.42 -3.93
N TYR B 36 -41.39 32.21 -4.99
CA TYR B 36 -40.67 31.97 -6.24
C TYR B 36 -39.16 32.09 -6.03
N LEU B 37 -38.74 33.13 -5.30
CA LEU B 37 -37.32 33.42 -5.11
C LEU B 37 -36.64 32.45 -4.14
N LEU B 38 -37.22 32.26 -2.96
CA LEU B 38 -36.57 31.44 -1.93
C LEU B 38 -36.63 29.95 -2.21
N GLY B 39 -37.49 29.52 -3.12
CA GLY B 39 -37.63 28.10 -3.39
C GLY B 39 -37.05 27.64 -4.71
N TYR B 40 -36.58 28.58 -5.53
CA TYR B 40 -36.11 28.20 -6.86
C TYR B 40 -35.05 27.12 -6.75
N VAL B 41 -35.05 26.23 -7.73
CA VAL B 41 -34.12 25.13 -7.79
C VAL B 41 -33.03 25.55 -8.75
N SER B 42 -31.86 25.91 -8.21
CA SER B 42 -30.75 26.49 -8.96
C SER B 42 -29.64 25.45 -9.07
N GLN B 43 -29.21 25.17 -10.31
CA GLN B 43 -28.12 24.21 -10.57
C GLN B 43 -26.88 24.92 -11.11
N GLN B 44 -25.83 24.96 -10.29
CA GLN B 44 -24.51 25.44 -10.70
C GLN B 44 -23.60 24.25 -10.52
N GLY B 45 -23.58 23.37 -11.52
CA GLY B 45 -22.78 22.16 -11.44
C GLY B 45 -23.37 21.06 -10.58
N GLY B 46 -24.49 20.49 -11.02
CA GLY B 46 -25.16 19.42 -10.31
C GLY B 46 -25.73 19.79 -8.96
N GLN B 47 -25.37 20.96 -8.42
CA GLN B 47 -25.88 21.41 -7.13
C GLN B 47 -27.23 22.05 -7.41
N ARG B 48 -28.31 21.31 -7.21
CA ARG B 48 -29.66 21.86 -7.36
C ARG B 48 -30.05 22.35 -5.97
N SER B 49 -30.15 23.67 -5.81
CA SER B 49 -30.27 24.24 -4.48
C SER B 49 -31.09 25.51 -4.47
N THR B 50 -31.47 25.91 -3.20
CA THR B 50 -32.13 27.10 -2.69
C THR B 50 -31.12 28.05 -2.09
N PRO B 51 -31.41 29.33 -2.21
CA PRO B 51 -30.52 30.36 -1.64
C PRO B 51 -30.06 30.08 -0.22
N LEU B 52 -31.00 29.76 0.67
CA LEU B 52 -30.65 29.53 2.05
C LEU B 52 -29.50 28.54 2.18
N ILE B 53 -29.68 27.33 1.64
CA ILE B 53 -28.69 26.28 1.84
C ILE B 53 -27.34 26.66 1.24
N ILE B 54 -27.34 27.30 0.07
CA ILE B 54 -26.05 27.58 -0.57
C ILE B 54 -25.25 28.52 0.32
N ALA B 55 -25.90 29.57 0.84
CA ALA B 55 -25.23 30.44 1.78
C ALA B 55 -24.81 29.68 3.03
N ALA B 56 -25.54 28.64 3.39
CA ALA B 56 -25.15 27.85 4.55
C ALA B 56 -23.83 27.14 4.31
N ARG B 57 -23.60 26.63 3.09
CA ARG B 57 -22.36 25.91 2.78
C ARG B 57 -21.17 26.83 2.60
N ASN B 58 -21.40 28.04 2.08
CA ASN B 58 -20.32 28.95 1.74
C ASN B 58 -19.93 29.82 2.92
N GLY B 59 -20.39 29.49 4.12
CA GLY B 59 -19.98 30.18 5.33
C GLY B 59 -20.38 31.63 5.37
N HIS B 60 -21.47 32.00 4.71
CA HIS B 60 -21.92 33.37 4.74
C HIS B 60 -22.71 33.56 6.03
N ALA B 61 -21.95 33.63 7.13
CA ALA B 61 -22.56 33.87 8.43
C ALA B 61 -23.48 35.09 8.37
N LYS B 62 -23.00 36.18 7.78
CA LYS B 62 -23.84 37.35 7.60
C LYS B 62 -25.12 36.99 6.86
N VAL B 63 -24.99 36.54 5.61
CA VAL B 63 -26.15 36.28 4.76
C VAL B 63 -27.10 35.31 5.43
N VAL B 64 -26.55 34.32 6.13
CA VAL B 64 -27.40 33.31 6.75
C VAL B 64 -28.22 33.95 7.86
N ARG B 65 -27.60 34.77 8.71
CA ARG B 65 -28.36 35.40 9.79
C ARG B 65 -29.60 36.14 9.27
N LEU B 66 -29.49 36.81 8.11
CA LEU B 66 -30.64 37.52 7.57
C LEU B 66 -31.86 36.60 7.43
N LEU B 67 -31.70 35.48 6.73
CA LEU B 67 -32.84 34.57 6.55
C LEU B 67 -33.34 33.99 7.86
N LEU B 68 -32.43 33.49 8.70
CA LEU B 68 -32.82 32.82 9.94
C LEU B 68 -33.55 33.78 10.87
N GLU B 69 -32.95 34.95 11.11
CA GLU B 69 -33.61 35.95 11.95
C GLU B 69 -34.95 36.35 11.34
N HIS B 70 -34.94 36.74 10.06
CA HIS B 70 -36.15 37.19 9.40
C HIS B 70 -37.17 36.09 9.17
N TYR B 71 -37.35 35.74 7.89
CA TYR B 71 -38.48 34.92 7.49
C TYR B 71 -38.31 33.50 7.97
N ARG B 72 -37.07 33.11 8.23
CA ARG B 72 -36.78 31.77 8.71
C ARG B 72 -37.59 30.78 7.87
N VAL B 73 -37.40 30.87 6.55
CA VAL B 73 -38.16 30.02 5.67
C VAL B 73 -37.72 28.58 5.93
N GLN B 74 -38.57 27.62 5.53
CA GLN B 74 -38.57 26.32 6.17
C GLN B 74 -37.15 25.82 6.37
N THR B 75 -36.82 25.50 7.62
CA THR B 75 -35.51 24.99 8.00
C THR B 75 -35.31 23.56 7.54
N GLN B 76 -36.33 22.99 6.91
CA GLN B 76 -36.32 21.63 6.41
C GLN B 76 -36.01 21.57 4.92
N GLN B 77 -35.71 22.71 4.29
CA GLN B 77 -35.40 22.73 2.87
C GLN B 77 -34.30 21.71 2.56
N THR B 78 -34.60 20.80 1.64
CA THR B 78 -33.67 19.77 1.20
C THR B 78 -32.72 20.29 0.14
N GLY B 79 -31.61 19.58 -0.05
CA GLY B 79 -30.70 19.96 -1.11
C GLY B 79 -29.70 18.90 -1.51
N THR B 80 -28.97 19.22 -2.58
CA THR B 80 -27.87 18.39 -3.06
C THR B 80 -26.66 19.29 -3.25
N VAL B 81 -25.65 19.16 -2.37
CA VAL B 81 -24.43 19.95 -2.47
C VAL B 81 -23.24 19.03 -2.66
N ARG B 82 -22.13 19.63 -3.02
CA ARG B 82 -20.91 18.90 -3.31
C ARG B 82 -19.91 19.07 -2.19
N PHE B 83 -19.14 18.02 -1.95
CA PHE B 83 -17.99 18.12 -1.07
C PHE B 83 -16.85 17.33 -1.69
N ASP B 84 -15.85 18.04 -2.20
CA ASP B 84 -14.58 17.45 -2.60
C ASP B 84 -14.78 16.15 -3.37
N GLY B 85 -15.46 16.30 -4.50
CA GLY B 85 -15.61 15.19 -5.43
C GLY B 85 -17.01 14.63 -5.50
N TYR B 86 -17.50 14.02 -4.41
CA TYR B 86 -18.85 13.48 -4.44
C TYR B 86 -19.86 14.57 -4.11
N VAL B 87 -21.11 14.32 -4.49
CA VAL B 87 -22.23 15.21 -4.24
C VAL B 87 -23.16 14.54 -3.22
N ILE B 88 -23.50 15.27 -2.15
CA ILE B 88 -24.37 14.74 -1.11
C ILE B 88 -25.78 15.18 -1.44
N ASP B 89 -26.76 14.32 -1.16
CA ASP B 89 -28.15 14.64 -1.43
C ASP B 89 -28.97 14.51 -0.16
N GLY B 90 -30.12 15.16 -0.15
CA GLY B 90 -30.94 15.12 1.04
C GLY B 90 -30.32 15.88 2.19
N ALA B 91 -29.57 16.93 1.87
CA ALA B 91 -28.92 17.75 2.88
C ALA B 91 -29.76 19.01 3.11
N THR B 92 -29.75 19.48 4.36
CA THR B 92 -30.33 20.76 4.68
C THR B 92 -29.21 21.72 5.02
N ALA B 93 -29.53 23.01 4.91
CA ALA B 93 -28.60 24.09 5.24
C ALA B 93 -27.87 23.79 6.53
N LEU B 94 -28.58 23.26 7.53
CA LEU B 94 -27.90 22.88 8.77
C LEU B 94 -26.82 21.85 8.48
N TRP B 95 -27.13 20.84 7.68
CA TRP B 95 -26.11 19.83 7.37
C TRP B 95 -24.94 20.43 6.61
N CYS B 96 -25.22 21.12 5.50
CA CYS B 96 -24.14 21.64 4.67
C CYS B 96 -23.19 22.50 5.49
N ALA B 97 -23.73 23.46 6.23
CA ALA B 97 -22.87 24.27 7.08
C ALA B 97 -22.23 23.40 8.15
N ALA B 98 -22.87 22.30 8.51
CA ALA B 98 -22.31 21.43 9.54
C ALA B 98 -20.99 20.83 9.06
N GLY B 99 -21.04 20.03 8.00
CA GLY B 99 -19.84 19.36 7.53
C GLY B 99 -18.83 20.28 6.88
N ALA B 100 -19.25 21.48 6.48
CA ALA B 100 -18.34 22.46 5.89
C ALA B 100 -17.55 23.22 6.93
N GLY B 101 -17.64 22.82 8.21
CA GLY B 101 -16.88 23.44 9.27
C GLY B 101 -17.23 24.88 9.59
N HIS B 102 -18.41 25.35 9.18
CA HIS B 102 -18.82 26.73 9.42
C HIS B 102 -19.45 26.85 10.79
N PHE B 103 -18.60 26.73 11.82
CA PHE B 103 -19.09 26.71 13.19
C PHE B 103 -19.91 27.96 13.50
N GLU B 104 -19.45 29.13 13.09
CA GLU B 104 -20.25 30.33 13.29
C GLU B 104 -21.65 30.10 12.72
N VAL B 105 -21.71 29.55 11.51
CA VAL B 105 -23.01 29.28 10.91
C VAL B 105 -23.75 28.20 11.70
N VAL B 106 -23.03 27.21 12.23
CA VAL B 106 -23.68 26.10 12.94
C VAL B 106 -24.44 26.62 14.16
N LYS B 107 -23.75 27.34 15.05
CA LYS B 107 -24.40 27.91 16.22
C LYS B 107 -25.69 28.64 15.83
N LEU B 108 -25.59 29.54 14.85
CA LEU B 108 -26.76 30.21 14.29
C LEU B 108 -27.83 29.23 13.82
N LEU B 109 -27.42 28.17 13.14
CA LEU B 109 -28.37 27.18 12.63
C LEU B 109 -29.20 26.58 13.74
N VAL B 110 -28.56 26.19 14.84
CA VAL B 110 -29.30 25.60 15.95
C VAL B 110 -30.29 26.61 16.50
N SER B 111 -29.82 27.82 16.79
CA SER B 111 -30.74 28.91 17.08
C SER B 111 -31.76 28.98 15.96
N HIS B 112 -32.96 29.42 16.30
CA HIS B 112 -34.05 29.44 15.33
C HIS B 112 -34.42 28.01 14.95
N GLY B 113 -34.26 27.09 15.90
CA GLY B 113 -34.66 25.71 15.78
C GLY B 113 -33.90 24.90 14.75
N ALA B 114 -34.59 24.47 13.69
CA ALA B 114 -34.04 23.60 12.64
C ALA B 114 -33.70 22.21 13.16
N ASN B 115 -34.13 21.20 12.41
CA ASN B 115 -33.98 19.79 12.77
C ASN B 115 -32.53 19.42 13.03
N VAL B 116 -32.19 19.09 14.28
CA VAL B 116 -30.80 18.77 14.55
C VAL B 116 -30.40 17.39 14.04
N ASN B 117 -31.35 16.50 13.80
CA ASN B 117 -31.03 15.15 13.37
C ASN B 117 -31.60 14.88 11.99
N HIS B 118 -31.61 15.89 11.13
CA HIS B 118 -32.29 15.78 9.85
C HIS B 118 -31.84 14.59 9.00
N THR B 119 -30.55 14.21 9.08
CA THR B 119 -29.96 13.08 8.34
C THR B 119 -30.06 13.21 6.82
N THR B 120 -28.91 13.12 6.15
CA THR B 120 -28.85 13.17 4.70
C THR B 120 -29.59 12.02 4.05
N VAL B 121 -29.47 11.89 2.73
CA VAL B 121 -30.09 10.75 2.05
C VAL B 121 -29.58 9.45 2.64
N THR B 122 -28.29 9.37 2.92
CA THR B 122 -27.74 8.17 3.54
C THR B 122 -27.87 8.19 5.05
N ASN B 123 -28.69 9.09 5.58
CA ASN B 123 -28.94 9.12 7.02
C ASN B 123 -27.66 9.45 7.79
N SER B 124 -27.20 10.67 7.58
CA SER B 124 -25.99 11.15 8.23
C SER B 124 -26.36 12.34 9.10
N THR B 125 -26.25 12.19 10.41
CA THR B 125 -26.52 13.31 11.27
C THR B 125 -25.49 14.40 10.99
N PRO B 126 -25.83 15.67 11.19
CA PRO B 126 -24.78 16.69 11.11
C PRO B 126 -23.65 16.37 12.04
N LEU B 127 -23.95 15.72 13.16
CA LEU B 127 -22.91 15.11 13.98
C LEU B 127 -22.09 14.11 13.17
N ARG B 128 -22.77 13.25 12.40
CA ARG B 128 -22.06 12.31 11.53
C ARG B 128 -21.02 13.05 10.70
N ALA B 129 -21.44 14.13 10.03
CA ALA B 129 -20.50 14.94 9.27
C ALA B 129 -19.37 15.42 10.16
N ALA B 130 -19.72 16.04 11.28
CA ALA B 130 -18.71 16.66 12.13
C ALA B 130 -17.73 15.63 12.67
N CYS B 131 -18.19 14.41 12.93
CA CYS B 131 -17.28 13.38 13.43
C CYS B 131 -16.31 12.89 12.37
N PHE B 132 -16.70 12.92 11.09
CA PHE B 132 -15.76 12.63 10.01
C PHE B 132 -14.61 13.63 10.05
N ASP B 133 -14.92 14.91 9.88
CA ASP B 133 -13.90 15.93 9.89
C ASP B 133 -13.15 15.94 11.21
N GLY B 134 -13.82 15.62 12.29
CA GLY B 134 -13.16 15.67 13.58
C GLY B 134 -13.22 17.04 14.19
N ARG B 135 -14.23 17.82 13.84
CA ARG B 135 -14.37 19.17 14.36
C ARG B 135 -14.95 19.08 15.77
N LEU B 136 -14.06 18.78 16.74
CA LEU B 136 -14.46 18.54 18.13
C LEU B 136 -15.26 19.69 18.69
N ASP B 137 -14.96 20.91 18.24
CA ASP B 137 -15.76 22.07 18.62
C ASP B 137 -17.22 21.86 18.24
N ILE B 138 -17.50 21.63 16.96
CA ILE B 138 -18.87 21.43 16.51
C ILE B 138 -19.49 20.22 17.20
N VAL B 139 -18.77 19.10 17.20
CA VAL B 139 -19.26 17.86 17.82
C VAL B 139 -19.88 18.18 19.16
N LYS B 140 -19.06 18.71 20.08
CA LYS B 140 -19.49 19.04 21.44
C LYS B 140 -20.76 19.90 21.46
N TYR B 141 -20.76 21.00 20.70
CA TYR B 141 -21.89 21.91 20.72
C TYR B 141 -23.17 21.23 20.25
N LEU B 142 -23.09 20.45 19.18
CA LEU B 142 -24.29 19.75 18.71
C LEU B 142 -24.74 18.66 19.68
N VAL B 143 -23.82 17.83 20.18
CA VAL B 143 -24.23 16.75 21.08
C VAL B 143 -25.01 17.32 22.25
N GLU B 144 -24.65 18.53 22.68
CA GLU B 144 -25.35 19.22 23.75
C GLU B 144 -26.80 19.53 23.37
N ASN B 145 -27.08 19.75 22.09
CA ASN B 145 -28.39 20.22 21.68
C ASN B 145 -29.29 19.08 21.23
N ASN B 146 -29.28 17.96 21.98
CA ASN B 146 -30.15 16.81 21.73
C ASN B 146 -29.92 16.25 20.33
N ALA B 147 -28.66 16.23 19.92
CA ALA B 147 -28.27 15.57 18.69
C ALA B 147 -28.02 14.11 19.04
N ASN B 148 -28.84 13.22 18.50
CA ASN B 148 -28.74 11.84 18.92
C ASN B 148 -27.44 11.24 18.40
N ILE B 149 -26.63 10.74 19.32
CA ILE B 149 -25.42 10.05 18.91
C ILE B 149 -25.75 8.68 18.33
N SER B 150 -26.83 8.06 18.77
CA SER B 150 -27.11 6.69 18.34
C SER B 150 -27.43 6.61 16.86
N ILE B 151 -27.90 7.70 16.25
CA ILE B 151 -28.21 7.68 14.82
C ILE B 151 -26.93 7.38 14.05
N ALA B 152 -26.86 6.20 13.46
CA ALA B 152 -25.71 5.87 12.64
C ALA B 152 -26.05 6.25 11.20
N ASN B 153 -25.42 5.64 10.22
CA ASN B 153 -25.74 5.98 8.85
C ASN B 153 -26.41 4.79 8.20
N LYS B 154 -26.79 5.01 6.95
CA LYS B 154 -27.42 4.02 6.08
C LYS B 154 -26.86 2.60 6.26
N TYR B 155 -25.62 2.44 6.73
CA TYR B 155 -25.03 1.11 6.87
C TYR B 155 -24.60 0.79 8.29
N ASP B 156 -25.15 1.48 9.29
CA ASP B 156 -24.83 1.22 10.71
C ASP B 156 -23.39 1.53 11.07
N ASN B 157 -22.83 2.61 10.53
CA ASN B 157 -21.53 3.10 10.93
C ASN B 157 -21.77 4.22 11.92
N THR B 158 -21.30 4.04 13.14
CA THR B 158 -21.67 4.96 14.20
C THR B 158 -20.92 6.27 14.05
N CYS B 159 -21.46 7.32 14.66
CA CYS B 159 -20.66 8.54 14.75
C CYS B 159 -19.33 8.26 15.41
N LEU B 160 -19.31 7.31 16.34
CA LEU B 160 -18.07 6.90 16.97
C LEU B 160 -17.12 6.21 15.99
N MET B 161 -17.65 5.36 15.12
CA MET B 161 -16.80 4.56 14.24
C MET B 161 -15.98 5.47 13.33
N ILE B 162 -16.66 6.31 12.56
CA ILE B 162 -16.00 7.19 11.59
C ILE B 162 -14.84 7.91 12.25
N ALA B 163 -15.02 8.32 13.51
CA ALA B 163 -13.96 9.00 14.23
C ALA B 163 -12.78 8.07 14.50
N ALA B 164 -13.05 6.84 14.92
CA ALA B 164 -11.96 5.89 15.08
C ALA B 164 -11.21 5.69 13.77
N TYR B 165 -11.92 5.80 12.65
CA TYR B 165 -11.26 5.72 11.35
C TYR B 165 -10.55 7.03 11.03
N LYS B 166 -11.29 8.12 10.97
CA LYS B 166 -10.66 9.42 10.76
C LYS B 166 -9.75 9.87 11.90
N GLY B 167 -9.11 8.93 12.61
CA GLY B 167 -8.21 9.21 13.72
C GLY B 167 -8.42 10.37 14.66
N HIS B 168 -9.66 10.70 14.97
CA HIS B 168 -9.94 11.86 15.78
C HIS B 168 -9.95 11.48 17.25
N THR B 169 -8.74 11.15 17.74
CA THR B 169 -8.62 10.65 19.10
C THR B 169 -9.37 11.52 20.08
N ASP B 170 -9.36 12.83 19.84
CA ASP B 170 -10.09 13.77 20.67
C ASP B 170 -11.60 13.52 20.66
N VAL B 171 -12.22 13.47 19.49
CA VAL B 171 -13.64 13.22 19.43
C VAL B 171 -13.95 11.83 19.98
N VAL B 172 -13.08 10.86 19.69
CA VAL B 172 -13.31 9.51 20.19
C VAL B 172 -13.44 9.53 21.71
N ARG B 173 -12.44 10.07 22.39
CA ARG B 173 -12.49 10.13 23.85
C ARG B 173 -13.75 10.84 24.32
N TYR B 174 -14.11 11.95 23.67
CA TYR B 174 -15.28 12.71 24.08
C TYR B 174 -16.56 11.89 23.97
N LEU B 175 -16.85 11.38 22.78
CA LEU B 175 -18.07 10.61 22.58
C LEU B 175 -18.16 9.45 23.56
N LEU B 176 -17.03 8.82 23.86
CA LEU B 176 -17.03 7.70 24.80
C LEU B 176 -17.53 8.14 26.17
N GLU B 177 -17.13 9.32 26.61
CA GLU B 177 -17.70 9.83 27.86
C GLU B 177 -19.20 10.06 27.72
N GLN B 178 -19.64 10.60 26.58
CA GLN B 178 -21.08 10.70 26.34
C GLN B 178 -21.71 9.37 26.01
N ARG B 179 -20.99 8.28 26.34
CA ARG B 179 -21.54 6.92 26.41
C ARG B 179 -21.98 6.35 25.07
N ALA B 180 -21.21 6.59 24.01
CA ALA B 180 -21.47 5.92 22.75
C ALA B 180 -21.13 4.44 22.88
N ASP B 181 -22.03 3.58 22.43
CA ASP B 181 -21.77 2.17 22.60
C ASP B 181 -20.57 1.74 21.79
N PRO B 182 -19.45 1.41 22.41
CA PRO B 182 -18.29 1.01 21.62
C PRO B 182 -18.49 -0.34 20.96
N ASN B 183 -19.44 -1.11 21.42
CA ASN B 183 -19.56 -2.47 20.95
C ASN B 183 -20.64 -2.61 19.91
N ALA B 184 -21.15 -1.48 19.41
CA ALA B 184 -22.04 -1.50 18.26
C ALA B 184 -21.38 -2.19 17.07
N LYS B 185 -22.19 -2.77 16.21
CA LYS B 185 -21.66 -3.38 14.99
C LYS B 185 -22.11 -2.57 13.78
N ALA B 186 -21.55 -2.92 12.63
CA ALA B 186 -21.95 -2.34 11.35
C ALA B 186 -22.33 -3.49 10.42
N HIS B 187 -22.96 -3.14 9.28
CA HIS B 187 -23.39 -4.17 8.32
C HIS B 187 -22.30 -5.18 8.04
N CYS B 188 -21.12 -4.69 7.65
CA CYS B 188 -19.97 -5.54 7.36
C CYS B 188 -19.53 -6.37 8.55
N GLY B 189 -20.17 -6.16 9.70
CA GLY B 189 -19.90 -6.88 10.93
C GLY B 189 -18.67 -6.45 11.70
N ALA B 190 -18.44 -5.14 11.81
CA ALA B 190 -17.24 -4.61 12.42
C ALA B 190 -17.62 -3.66 13.54
N THR B 191 -16.69 -3.49 14.47
CA THR B 191 -16.89 -2.55 15.55
C THR B 191 -15.90 -1.41 15.39
N ALA B 192 -16.26 -0.24 15.88
CA ALA B 192 -15.33 0.89 15.92
C ALA B 192 -13.96 0.47 16.40
N LEU B 193 -13.91 -0.50 17.31
CA LEU B 193 -12.61 -1.07 17.63
C LEU B 193 -11.93 -1.62 16.39
N HIS B 194 -12.65 -2.40 15.58
CA HIS B 194 -12.05 -2.95 14.37
C HIS B 194 -11.43 -1.88 13.50
N PHE B 195 -12.16 -0.81 13.22
CA PHE B 195 -11.63 0.24 12.36
C PHE B 195 -10.34 0.81 12.93
N ALA B 196 -10.42 1.40 14.12
CA ALA B 196 -9.25 2.03 14.71
C ALA B 196 -8.07 1.08 14.76
N ALA B 197 -8.34 -0.22 14.88
CA ALA B 197 -7.24 -1.16 14.80
C ALA B 197 -6.65 -1.20 13.39
N GLU B 198 -7.51 -1.12 12.38
CA GLU B 198 -7.06 -1.08 10.98
C GLU B 198 -6.18 0.14 10.73
N ALA B 199 -6.70 1.31 11.01
CA ALA B 199 -5.91 2.51 10.83
C ALA B 199 -4.78 2.62 11.78
N GLY B 200 -4.38 1.57 12.50
CA GLY B 200 -3.27 1.63 13.43
C GLY B 200 -3.19 2.88 14.28
N HIS B 201 -4.35 3.43 14.67
CA HIS B 201 -4.45 4.65 15.48
C HIS B 201 -4.27 4.27 16.94
N ILE B 202 -3.01 4.08 17.31
CA ILE B 202 -2.71 3.54 18.64
C ILE B 202 -3.41 4.34 19.71
N ASP B 203 -3.51 5.64 19.51
CA ASP B 203 -4.15 6.46 20.53
C ASP B 203 -5.63 6.09 20.72
N ILE B 204 -6.38 6.03 19.62
CA ILE B 204 -7.82 5.79 19.75
C ILE B 204 -8.10 4.43 20.38
N VAL B 205 -7.35 3.41 19.98
CA VAL B 205 -7.52 2.11 20.59
C VAL B 205 -7.19 2.13 22.08
N LYS B 206 -6.28 3.01 22.50
CA LYS B 206 -6.01 3.12 23.93
C LYS B 206 -7.29 3.58 24.63
N GLU B 207 -7.65 4.85 24.44
CA GLU B 207 -8.90 5.40 24.99
C GLU B 207 -10.06 4.57 24.49
N LEU B 208 -9.98 3.26 24.65
CA LEU B 208 -11.02 2.37 24.17
C LEU B 208 -10.90 1.06 24.93
N ILE B 209 -9.69 0.65 25.31
CA ILE B 209 -9.61 -0.47 26.23
C ILE B 209 -10.27 -0.09 27.54
N LYS B 210 -9.95 1.10 28.07
CA LYS B 210 -10.83 1.75 29.02
C LYS B 210 -12.10 2.08 28.26
N TRP B 211 -13.24 1.97 28.94
CA TRP B 211 -14.56 1.88 28.32
C TRP B 211 -14.74 0.52 27.67
N ARG B 212 -13.90 -0.44 28.03
CA ARG B 212 -13.92 -1.85 27.65
C ARG B 212 -14.76 -2.17 26.43
N ALA B 213 -14.11 -2.31 25.29
CA ALA B 213 -14.79 -2.79 24.11
C ALA B 213 -14.74 -4.31 24.09
N ALA B 214 -15.86 -4.93 23.73
CA ALA B 214 -15.82 -6.38 23.58
C ALA B 214 -14.93 -6.74 22.39
N ILE B 215 -14.36 -7.93 22.44
CA ILE B 215 -13.56 -8.42 21.34
C ILE B 215 -14.49 -9.23 20.46
N VAL B 216 -15.01 -8.60 19.41
CA VAL B 216 -15.96 -9.24 18.55
C VAL B 216 -15.23 -9.75 17.31
N VAL B 217 -15.93 -10.46 16.47
CA VAL B 217 -15.31 -10.98 15.28
C VAL B 217 -15.86 -10.21 14.10
N ASN B 218 -14.99 -9.92 13.14
CA ASN B 218 -15.37 -9.26 11.90
C ASN B 218 -16.47 -10.03 11.17
N GLY B 219 -17.23 -9.30 10.36
CA GLY B 219 -18.03 -9.96 9.34
C GLY B 219 -17.19 -10.83 8.43
N HIS B 220 -15.88 -10.63 8.44
CA HIS B 220 -14.92 -11.49 7.78
C HIS B 220 -14.48 -12.62 8.66
N GLY B 221 -14.67 -12.51 9.95
CA GLY B 221 -14.16 -13.53 10.83
C GLY B 221 -12.80 -13.14 11.39
N MET B 222 -12.66 -11.85 11.69
CA MET B 222 -11.40 -11.27 12.12
C MET B 222 -11.62 -10.47 13.39
N THR B 223 -10.88 -10.81 14.43
CA THR B 223 -10.88 -9.99 15.63
C THR B 223 -10.10 -8.71 15.37
N PRO B 224 -10.28 -7.69 16.22
CA PRO B 224 -9.51 -6.44 16.03
C PRO B 224 -8.02 -6.62 16.01
N LEU B 225 -7.43 -7.48 16.84
CA LEU B 225 -6.01 -7.71 16.68
C LEU B 225 -5.71 -8.25 15.28
N LYS B 226 -6.38 -9.31 14.87
CA LYS B 226 -6.10 -9.91 13.57
C LYS B 226 -6.20 -8.88 12.45
N VAL B 227 -7.19 -7.98 12.52
CA VAL B 227 -7.29 -6.89 11.57
C VAL B 227 -5.96 -6.13 11.46
N ALA B 228 -5.50 -5.56 12.58
CA ALA B 228 -4.27 -4.78 12.57
C ALA B 228 -3.08 -5.59 12.10
N ALA B 229 -3.03 -6.88 12.46
CA ALA B 229 -1.94 -7.72 11.97
C ALA B 229 -1.96 -7.84 10.45
N GLU B 230 -3.15 -7.98 9.86
CA GLU B 230 -3.25 -8.00 8.42
C GLU B 230 -2.98 -6.61 7.83
N SER B 231 -3.28 -5.56 8.58
CA SER B 231 -2.97 -4.17 8.23
C SER B 231 -1.55 -3.75 8.64
N CYS B 232 -0.71 -4.70 9.05
CA CYS B 232 0.73 -4.47 9.28
C CYS B 232 1.00 -3.37 10.30
N LYS B 233 0.15 -3.26 11.32
CA LYS B 233 0.31 -2.26 12.38
C LYS B 233 0.85 -2.93 13.65
N ALA B 234 2.15 -3.27 13.61
CA ALA B 234 2.79 -4.02 14.69
C ALA B 234 2.57 -3.37 16.06
N ASP B 235 2.68 -2.04 16.11
CA ASP B 235 2.43 -1.29 17.33
C ASP B 235 1.13 -1.74 17.97
N VAL B 236 0.00 -1.41 17.34
CA VAL B 236 -1.30 -1.83 17.83
C VAL B 236 -1.35 -3.33 18.07
N VAL B 237 -0.82 -4.10 17.13
CA VAL B 237 -0.86 -5.57 17.24
C VAL B 237 -0.26 -6.01 18.55
N GLU B 238 0.96 -5.56 18.83
CA GLU B 238 1.61 -5.91 20.07
C GLU B 238 0.77 -5.52 21.27
N LEU B 239 0.33 -4.27 21.32
CA LEU B 239 -0.48 -3.79 22.43
C LEU B 239 -1.58 -4.77 22.77
N LEU B 240 -2.44 -5.07 21.80
CA LEU B 240 -3.58 -5.93 22.05
C LEU B 240 -3.19 -7.28 22.65
N LEU B 241 -1.96 -7.73 22.47
CA LEU B 241 -1.58 -8.96 23.17
C LEU B 241 -1.58 -8.77 24.68
N SER B 242 -1.56 -7.53 25.14
CA SER B 242 -1.79 -7.19 26.54
C SER B 242 -3.28 -7.18 26.90
N HIS B 243 -4.05 -8.19 26.46
CA HIS B 243 -5.43 -8.37 26.88
C HIS B 243 -5.68 -9.87 26.99
N ALA B 244 -6.97 -10.24 27.03
CA ALA B 244 -7.46 -11.60 27.25
C ALA B 244 -7.14 -12.48 26.04
N ASP B 245 -5.93 -13.02 25.99
CA ASP B 245 -5.47 -13.84 24.87
C ASP B 245 -6.43 -14.99 24.59
N CYS B 246 -6.67 -15.23 23.30
CA CYS B 246 -7.57 -16.29 22.86
C CYS B 246 -6.73 -17.48 22.40
N ASP B 247 -6.05 -18.09 23.38
CA ASP B 247 -5.23 -19.29 23.20
C ASP B 247 -3.92 -18.91 22.51
N ARG B 248 -2.91 -19.75 22.67
CA ARG B 248 -1.65 -19.53 21.98
C ARG B 248 -1.90 -19.26 20.51
N ARG B 249 -2.83 -20.01 19.91
CA ARG B 249 -3.12 -19.87 18.49
C ARG B 249 -3.37 -18.42 18.12
N SER B 250 -4.28 -17.76 18.84
CA SER B 250 -4.53 -16.34 18.58
C SER B 250 -3.23 -15.56 18.52
N ARG B 251 -2.36 -15.77 19.49
CA ARG B 251 -1.07 -15.09 19.50
C ARG B 251 -0.26 -15.48 18.26
N ILE B 252 0.13 -16.76 18.15
CA ILE B 252 1.02 -17.17 17.06
C ILE B 252 0.41 -16.90 15.69
N GLU B 253 -0.91 -17.12 15.54
CA GLU B 253 -1.51 -16.86 14.24
C GLU B 253 -1.32 -15.41 13.86
N ALA B 254 -1.71 -14.49 14.75
CA ALA B 254 -1.49 -13.08 14.52
C ALA B 254 -0.03 -12.79 14.22
N LEU B 255 0.88 -13.35 15.02
CA LEU B 255 2.30 -13.19 14.78
C LEU B 255 2.67 -13.70 13.40
N GLU B 256 2.20 -14.91 13.07
CA GLU B 256 2.37 -15.45 11.74
C GLU B 256 1.75 -14.52 10.71
N LEU B 257 0.60 -13.93 11.06
CA LEU B 257 -0.04 -13.00 10.15
C LEU B 257 0.74 -11.71 10.06
N LEU B 258 1.06 -11.12 11.21
CA LEU B 258 1.77 -9.84 11.23
C LEU B 258 3.03 -9.87 10.38
N GLY B 259 3.93 -10.80 10.66
CA GLY B 259 5.17 -10.85 9.91
C GLY B 259 4.96 -11.05 8.42
N ALA B 260 3.97 -11.86 8.05
CA ALA B 260 3.64 -12.00 6.64
C ALA B 260 3.19 -10.65 6.05
N SER B 261 2.51 -9.82 6.84
CA SER B 261 2.05 -8.52 6.36
C SER B 261 3.22 -7.61 6.01
N PHE B 262 4.42 -7.95 6.44
CA PHE B 262 5.60 -7.22 6.04
C PHE B 262 6.13 -7.73 4.73
N ALA B 263 5.91 -9.00 4.43
CA ALA B 263 6.35 -9.53 3.15
C ALA B 263 5.43 -9.09 2.02
N ASN B 264 4.12 -9.15 2.25
CA ASN B 264 3.15 -8.87 1.20
C ASN B 264 3.08 -7.38 0.87
N ASP B 265 2.89 -6.54 1.88
CA ASP B 265 2.58 -5.12 1.66
C ASP B 265 3.65 -4.39 0.88
N ARG B 266 3.30 -3.93 -0.32
CA ARG B 266 4.24 -3.25 -1.21
C ARG B 266 4.77 -1.95 -0.64
N GLU B 267 4.00 -1.31 0.24
CA GLU B 267 4.40 -0.05 0.85
C GLU B 267 5.36 -0.29 2.02
N ASN B 268 4.97 -1.15 2.97
CA ASN B 268 5.72 -1.30 4.21
C ASN B 268 6.80 -2.38 4.15
N TYR B 269 6.87 -3.11 3.04
CA TYR B 269 7.79 -4.19 2.74
C TYR B 269 9.08 -4.20 3.56
N ASP B 270 9.18 -5.14 4.50
CA ASP B 270 10.40 -5.33 5.30
C ASP B 270 10.56 -6.81 5.58
N ILE B 271 11.36 -7.48 4.76
CA ILE B 271 11.58 -8.91 4.94
C ILE B 271 12.26 -9.17 6.28
N ILE B 272 13.12 -8.27 6.74
CA ILE B 272 13.74 -8.41 8.06
C ILE B 272 12.67 -8.54 9.15
N LYS B 273 11.72 -7.61 9.18
CA LYS B 273 10.62 -7.70 10.14
C LYS B 273 9.76 -8.91 9.90
N THR B 274 9.63 -9.34 8.65
CA THR B 274 8.91 -10.58 8.38
C THR B 274 9.47 -11.70 9.24
N TYR B 275 10.72 -12.12 8.95
CA TYR B 275 11.34 -13.23 9.67
C TYR B 275 11.35 -12.99 11.17
N HIS B 276 11.51 -11.74 11.58
CA HIS B 276 11.49 -11.43 13.00
C HIS B 276 10.25 -11.99 13.67
N TYR B 277 9.06 -11.67 13.14
CA TYR B 277 7.84 -12.17 13.78
C TYR B 277 7.58 -13.61 13.41
N LEU B 278 7.83 -13.98 12.15
CA LEU B 278 7.57 -15.37 11.76
C LEU B 278 8.42 -16.33 12.57
N TYR B 279 9.68 -16.00 12.80
CA TYR B 279 10.49 -16.90 13.61
C TYR B 279 10.00 -16.86 15.05
N LEU B 280 9.65 -15.68 15.54
CA LEU B 280 9.05 -15.60 16.88
C LEU B 280 7.89 -16.56 17.00
N ALA B 281 6.99 -16.55 16.01
CA ALA B 281 5.81 -17.40 16.07
C ALA B 281 6.19 -18.87 16.10
N MET B 282 7.15 -19.27 15.28
CA MET B 282 7.60 -20.66 15.26
C MET B 282 8.04 -21.10 16.65
N LEU B 283 8.66 -20.19 17.39
CA LEU B 283 9.11 -20.48 18.75
C LEU B 283 7.94 -20.82 19.67
N GLU B 284 6.97 -19.91 19.76
CA GLU B 284 5.78 -20.10 20.58
C GLU B 284 5.09 -21.42 20.33
N ARG B 285 5.19 -21.93 19.12
CA ARG B 285 4.61 -23.21 18.77
C ARG B 285 5.23 -24.35 19.56
N PHE B 286 6.42 -24.16 20.11
CA PHE B 286 7.24 -25.23 20.64
C PHE B 286 7.39 -25.12 22.16
N GLN B 287 6.31 -25.51 22.86
CA GLN B 287 6.32 -25.74 24.31
C GLN B 287 6.00 -27.18 24.72
N ASP B 288 5.39 -27.96 23.84
CA ASP B 288 4.98 -29.33 24.13
C ASP B 288 6.11 -30.34 23.92
N LEU B 293 -0.63 -28.30 17.82
CA LEU B 293 0.53 -27.49 18.17
C LEU B 293 1.51 -27.34 17.00
N GLU B 294 1.09 -27.83 15.83
CA GLU B 294 1.97 -28.03 14.69
C GLU B 294 1.39 -27.31 13.47
N LYS B 295 2.26 -26.99 12.52
CA LYS B 295 1.85 -26.28 11.32
C LYS B 295 1.51 -27.29 10.23
N GLU B 296 0.28 -27.20 9.73
CA GLU B 296 -0.21 -27.99 8.61
C GLU B 296 -0.02 -27.22 7.31
N VAL B 297 1.05 -27.50 6.59
CA VAL B 297 1.43 -26.71 5.44
C VAL B 297 0.76 -27.30 4.20
N LEU B 298 0.24 -26.41 3.39
CA LEU B 298 -0.47 -26.79 2.20
C LEU B 298 0.53 -27.08 1.09
N PRO B 299 0.14 -27.84 0.06
CA PRO B 299 1.11 -28.28 -0.92
C PRO B 299 1.54 -27.15 -1.83
N PRO B 300 2.67 -27.29 -2.51
CA PRO B 300 3.14 -26.25 -3.43
C PRO B 300 2.18 -25.96 -4.57
N ILE B 301 2.42 -24.80 -5.19
CA ILE B 301 1.67 -24.29 -6.33
C ILE B 301 2.66 -23.54 -7.19
N HIS B 302 2.29 -23.31 -8.46
CA HIS B 302 3.09 -22.45 -9.32
C HIS B 302 3.12 -21.02 -8.80
N ALA B 303 2.03 -20.58 -8.17
CA ALA B 303 1.94 -19.24 -7.60
C ALA B 303 3.21 -18.87 -6.82
N TYR B 304 3.63 -19.77 -5.95
CA TYR B 304 4.76 -19.54 -5.06
C TYR B 304 5.98 -20.38 -5.45
N GLY B 305 6.21 -20.51 -6.75
CA GLY B 305 7.37 -21.24 -7.24
C GLY B 305 7.47 -22.68 -6.83
N ASN B 306 6.35 -23.32 -6.46
CA ASN B 306 6.34 -24.69 -5.95
C ASN B 306 7.14 -24.78 -4.65
N ARG B 307 6.82 -23.90 -3.71
CA ARG B 307 7.50 -23.86 -2.42
C ARG B 307 6.65 -24.50 -1.35
N THR B 308 7.31 -24.99 -0.31
CA THR B 308 6.65 -25.58 0.84
C THR B 308 7.02 -24.80 2.09
N GLU B 309 6.02 -24.50 2.89
CA GLU B 309 6.23 -23.66 4.05
C GLU B 309 7.08 -24.36 5.10
N CYS B 310 7.79 -23.57 5.88
CA CYS B 310 8.52 -24.10 7.01
C CYS B 310 7.56 -24.35 8.15
N ARG B 311 7.73 -25.49 8.80
CA ARG B 311 6.91 -25.91 9.92
C ARG B 311 7.66 -25.93 11.25
N ASN B 312 9.00 -25.91 11.22
CA ASN B 312 9.87 -26.04 12.37
C ASN B 312 10.92 -24.93 12.36
N PRO B 313 11.46 -24.56 13.54
CA PRO B 313 12.46 -23.49 13.57
C PRO B 313 13.64 -23.72 12.65
N GLN B 314 14.15 -24.94 12.58
CA GLN B 314 15.35 -25.18 11.78
C GLN B 314 15.12 -24.95 10.29
N GLU B 315 13.94 -25.32 9.77
CA GLU B 315 13.61 -24.99 8.39
C GLU B 315 13.52 -23.47 8.20
N LEU B 316 12.83 -22.79 9.12
CA LEU B 316 12.72 -21.34 9.03
C LEU B 316 14.08 -20.67 9.14
N GLU B 317 14.90 -21.13 10.07
CA GLU B 317 16.23 -20.55 10.27
C GLU B 317 17.07 -20.61 9.02
N SER B 318 16.88 -21.66 8.20
CA SER B 318 17.66 -21.79 6.99
C SER B 318 17.32 -20.72 5.96
N ILE B 319 16.06 -20.27 5.91
CA ILE B 319 15.66 -19.27 4.93
C ILE B 319 16.13 -17.86 5.32
N ARG B 320 16.50 -17.65 6.58
CA ARG B 320 16.82 -16.33 7.16
C ARG B 320 17.62 -15.43 6.21
N GLN B 321 18.55 -16.02 5.46
CA GLN B 321 19.42 -15.21 4.62
C GLN B 321 18.96 -15.11 3.18
N ASP B 322 17.84 -15.73 2.82
CA ASP B 322 17.32 -15.73 1.45
C ASP B 322 16.11 -14.81 1.41
N ARG B 323 16.36 -13.52 1.16
CA ARG B 323 15.29 -12.53 1.11
C ARG B 323 14.21 -12.97 0.13
N ASP B 324 14.60 -13.59 -0.99
CA ASP B 324 13.62 -14.06 -1.98
C ASP B 324 12.74 -15.17 -1.42
N ALA B 325 13.36 -16.22 -0.87
CA ALA B 325 12.57 -17.32 -0.32
C ALA B 325 11.70 -16.84 0.84
N LEU B 326 12.23 -15.96 1.69
CA LEU B 326 11.42 -15.37 2.75
C LEU B 326 10.21 -14.67 2.18
N HIS B 327 10.40 -13.94 1.07
CA HIS B 327 9.28 -13.28 0.40
C HIS B 327 8.19 -14.29 0.02
N MET B 328 8.57 -15.43 -0.55
CA MET B 328 7.59 -16.49 -0.79
C MET B 328 6.96 -16.94 0.52
N GLU B 329 7.80 -17.26 1.52
CA GLU B 329 7.31 -17.75 2.80
C GLU B 329 6.28 -16.80 3.40
N GLY B 330 6.63 -15.52 3.48
CA GLY B 330 5.66 -14.54 3.94
C GLY B 330 4.33 -14.67 3.22
N LEU B 331 4.35 -14.98 1.91
CA LEU B 331 3.12 -15.12 1.13
C LEU B 331 2.37 -16.41 1.48
N ILE B 332 3.04 -17.55 1.42
CA ILE B 332 2.35 -18.79 1.77
C ILE B 332 1.80 -18.71 3.19
N VAL B 333 2.62 -18.26 4.14
CA VAL B 333 2.13 -18.04 5.50
C VAL B 333 0.85 -17.24 5.46
N ARG B 334 0.86 -16.11 4.74
CA ARG B 334 -0.37 -15.34 4.57
C ARG B 334 -1.42 -16.12 3.80
N GLU B 335 -1.02 -16.84 2.75
CA GLU B 335 -2.01 -17.64 2.02
C GLU B 335 -2.74 -18.59 2.95
N ARG B 336 -2.02 -19.20 3.89
CA ARG B 336 -2.66 -20.14 4.81
C ARG B 336 -3.64 -19.43 5.72
N ILE B 337 -3.16 -18.51 6.56
CA ILE B 337 -3.99 -17.92 7.62
C ILE B 337 -5.26 -17.29 7.04
N LEU B 338 -5.18 -16.72 5.84
CA LEU B 338 -6.32 -16.11 5.15
C LEU B 338 -6.57 -16.91 3.87
N GLY B 339 -7.45 -17.91 3.94
CA GLY B 339 -7.68 -18.77 2.79
C GLY B 339 -8.33 -18.11 1.58
#